data_6GJZ
#
_entry.id   6GJZ
#
_cell.length_a   1
_cell.length_b   1
_cell.length_c   1
_cell.angle_alpha   90
_cell.angle_beta   90
_cell.angle_gamma   90
#
_symmetry.space_group_name_H-M   'P 1'
#
loop_
_entity.id
_entity.type
_entity.pdbx_description
1 polymer 'Interferon-induced helicase C domain-containing protein 1'
2 polymer "RNA (5'-R(P*CP*AP*AP*GP*CP*CP*GP*AP*GP*GP*AP*GP*AP*G)-3')"
3 polymer "RNA (5'-R(P*CP*UP*CP*UP*CP*CP*UP*CP*GP*GP*CP*UP*UP*G)-3')"
4 non-polymer 'ZINC ION'
5 non-polymer 'PHOSPHOAMINOPHOSPHONIC ACID-ADENYLATE ESTER'
#
loop_
_entity_poly.entity_id
_entity_poly.type
_entity_poly.pdbx_seq_one_letter_code
_entity_poly.pdbx_strand_id
1 'polypeptide(L)'
;MSIVCSAEDSFRNLILFFRPRLKMYIQVEPVLDHLIFLSAETKEQILKKINTCGNTSAAELLLSTLEQGQWPLGWTQMFV
EALEHSGNPLAARYVKPTLTDLPSPSSETAHDECLHLLTLLQPTLVDKLLINDVLDTCFEKGLLTVEDRNRISAAGNSGN
ESGVRELLRRIVQKENWFSTFLDVLRQTGNDALFQELTGGGCPEDNTDLANSSHRDGPAANECLLPAVDESSLETEAWNV
DDILPEASCTDSSVTTESDTSLAEGSVSCFDESLGHNSNMGRDSGTMGSDSDESVIQTKRVSPEPELQLRPYQMEVAQPA
LDGKNIIICLPTGSGKTRVAVYITKDHLDKKKQASESGKVIVLVNKVMLAEQLFRKEFNPYLKKWYRIIGLSGDTQLKIS
FPEVVKSYDVIISTAQILENSLLNLESGDDDGVQLSDFSLIIIDECHHTNKEAVYNNIMRRYLKQKLRNNDLKKQNKPAI
PLPQILGLTASPGVGAAKKQSEAEKHILNICANLDAFTIKTVKENLGQLKHQIKEPCKKFVIADDTRENPFKEKLLEIMA
SIQTYCQKSPMSDFGTQHYEQWAIQMEKKAAKDGNRKDRVCAEHLRKYNEALQINDTIRMIDAYSHLETFYTDEKEKKFA
VLNDSKKSLKLDETDEFLMNLFFDNKKMLKKLAENPKYENEKLIKLRNTILEQFTRSEESSRGIIFTKTRQSTYALSQWI
MENAKFAEVGVKAHHLIGAGHSSEVKPMTQTEQKEVISKFRTGEINLLIATTVAEEGLDIKECNIVIRYGLVTNEIAMVQ
ARGRARADESTYVLVTSSGSGVTEREIVNDFREKMMYKAINRVQNMKPEEYAHKILELQVQSILEKKMKVKRSIAKQYND
NPSLITLLCKNCSMLVCSGENIHVIEKMHHVNMTPEFKGLYIVRENKALQKKFADYQTNGEIICKCGQAWGTMMVHKGLD
LPCLKIRNFVVNFKNNSPKKQYKKWVELPIRFPDLDYSEYCLYSDED
;
A
2 'polyribonucleotide' CAAGCCGAGGAGAG X
3 'polyribonucleotide' CUCUCCUCGGCUUG Y
#
# COMPACT_ATOMS: atom_id res chain seq x y z
N LEU A 307 19.10 11.67 -27.70
CA LEU A 307 17.85 12.12 -27.10
C LEU A 307 17.27 13.29 -27.86
N GLN A 308 15.96 13.47 -27.73
CA GLN A 308 15.22 14.50 -28.45
C GLN A 308 14.52 15.44 -27.48
N LEU A 309 14.33 16.66 -27.96
CA LEU A 309 13.86 17.79 -27.17
C LEU A 309 12.57 18.28 -27.79
N ARG A 310 11.43 17.93 -27.20
CA ARG A 310 10.16 18.30 -27.81
C ARG A 310 9.91 19.80 -27.70
N PRO A 311 9.00 20.34 -28.53
CA PRO A 311 8.70 21.77 -28.42
C PRO A 311 8.12 22.16 -27.09
N TYR A 312 7.12 21.43 -26.63
CA TYR A 312 6.40 21.86 -25.44
C TYR A 312 7.10 21.45 -24.17
N GLN A 313 7.92 20.41 -24.23
CA GLN A 313 8.77 20.11 -23.09
C GLN A 313 9.81 21.19 -22.88
N MET A 314 10.20 21.86 -23.95
CA MET A 314 11.19 22.90 -23.86
C MET A 314 10.76 24.00 -22.92
N GLU A 315 9.57 24.53 -23.14
CA GLU A 315 9.17 25.73 -22.41
C GLU A 315 8.99 25.42 -20.95
N VAL A 316 8.48 24.25 -20.64
CA VAL A 316 8.26 23.88 -19.25
C VAL A 316 9.61 23.68 -18.58
N ALA A 317 10.57 23.15 -19.32
CA ALA A 317 11.88 22.94 -18.73
C ALA A 317 12.67 24.21 -18.58
N GLN A 318 12.42 25.17 -19.47
CA GLN A 318 13.31 26.30 -19.69
C GLN A 318 13.82 26.98 -18.43
N PRO A 319 12.96 27.41 -17.50
CA PRO A 319 13.49 28.14 -16.34
C PRO A 319 14.37 27.30 -15.47
N ALA A 320 14.16 26.00 -15.46
CA ALA A 320 14.97 25.15 -14.61
C ALA A 320 16.43 25.19 -15.02
N LEU A 321 16.69 25.46 -16.29
CA LEU A 321 18.04 25.35 -16.82
C LEU A 321 18.98 26.38 -16.23
N ASP A 322 18.47 27.40 -15.54
CA ASP A 322 19.31 28.38 -14.85
C ASP A 322 18.79 28.53 -13.43
N GLY A 323 19.26 27.64 -12.56
CA GLY A 323 18.78 27.61 -11.21
C GLY A 323 17.30 27.32 -11.21
N LYS A 324 16.57 28.05 -10.38
CA LYS A 324 15.11 28.03 -10.41
C LYS A 324 14.58 26.61 -10.15
N ASN A 325 14.75 26.21 -8.91
CA ASN A 325 14.09 25.00 -8.46
C ASN A 325 12.59 25.14 -8.66
N ILE A 326 11.97 24.13 -9.26
CA ILE A 326 10.56 24.17 -9.61
C ILE A 326 9.92 22.80 -9.47
N ILE A 327 8.60 22.82 -9.55
CA ILE A 327 7.80 21.67 -9.81
C ILE A 327 7.51 21.64 -11.30
N ILE A 328 7.21 20.45 -11.81
CA ILE A 328 6.66 20.29 -13.14
C ILE A 328 5.52 19.32 -13.04
N CYS A 329 4.34 19.75 -13.46
CA CYS A 329 3.20 18.86 -13.63
C CYS A 329 2.81 18.92 -15.09
N LEU A 330 3.00 17.81 -15.77
CA LEU A 330 2.49 17.59 -17.09
C LEU A 330 1.47 16.47 -17.06
N PRO A 331 0.77 16.26 -18.14
CA PRO A 331 -0.05 15.05 -18.21
C PRO A 331 0.79 13.80 -18.27
N THR A 332 0.11 12.68 -18.37
CA THR A 332 0.73 11.38 -18.37
C THR A 332 1.26 11.04 -19.75
N GLY A 333 2.41 10.39 -19.79
CA GLY A 333 2.99 9.95 -21.03
C GLY A 333 3.63 11.01 -21.85
N SER A 334 3.76 12.22 -21.32
CA SER A 334 4.29 13.34 -22.09
C SER A 334 5.81 13.36 -22.13
N GLY A 335 6.48 12.30 -21.69
CA GLY A 335 7.92 12.23 -21.75
C GLY A 335 8.54 12.92 -20.56
N LYS A 336 8.02 12.54 -19.41
CA LYS A 336 8.44 13.16 -18.16
C LYS A 336 9.86 12.79 -17.83
N THR A 337 10.16 11.51 -17.96
CA THR A 337 11.51 11.05 -17.70
C THR A 337 12.48 11.70 -18.65
N ARG A 338 12.08 11.87 -19.90
CA ARG A 338 13.02 12.33 -20.90
C ARG A 338 13.41 13.78 -20.63
N VAL A 339 12.45 14.60 -20.25
CA VAL A 339 12.79 15.98 -19.95
C VAL A 339 13.66 16.02 -18.72
N ALA A 340 13.42 15.09 -17.79
CA ALA A 340 14.31 14.97 -16.66
C ALA A 340 15.73 14.76 -17.15
N VAL A 341 15.89 13.79 -18.04
CA VAL A 341 17.21 13.41 -18.53
C VAL A 341 17.90 14.62 -19.15
N TYR A 342 17.15 15.36 -19.94
CA TYR A 342 17.75 16.51 -20.61
C TYR A 342 18.25 17.50 -19.59
N ILE A 343 17.45 17.74 -18.56
CA ILE A 343 17.84 18.73 -17.58
C ILE A 343 19.07 18.27 -16.85
N THR A 344 19.17 16.97 -16.64
CA THR A 344 20.38 16.43 -16.05
C THR A 344 21.58 16.82 -16.87
N LYS A 345 21.58 16.38 -18.12
CA LYS A 345 22.72 16.57 -19.01
C LYS A 345 23.12 18.03 -19.07
N ASP A 346 22.12 18.91 -19.14
CA ASP A 346 22.43 20.33 -19.14
C ASP A 346 23.12 20.74 -17.86
N HIS A 347 22.56 20.31 -16.72
CA HIS A 347 23.11 20.72 -15.44
C HIS A 347 24.56 20.29 -15.32
N LEU A 348 24.84 19.08 -15.74
CA LEU A 348 26.17 18.56 -15.55
C LEU A 348 27.15 19.24 -16.48
N ASP A 349 26.78 19.39 -17.75
CA ASP A 349 27.64 20.07 -18.70
C ASP A 349 27.93 21.48 -18.23
N LYS A 350 26.91 22.13 -17.67
CA LYS A 350 27.09 23.47 -17.16
C LYS A 350 28.10 23.49 -16.04
N LYS A 351 27.89 22.65 -15.03
CA LYS A 351 28.79 22.67 -13.88
C LYS A 351 30.19 22.29 -14.27
N LYS A 352 30.35 21.49 -15.31
CA LYS A 352 31.68 21.23 -15.83
C LYS A 352 32.27 22.49 -16.42
N GLN A 353 31.52 23.15 -17.29
CA GLN A 353 32.03 24.31 -17.99
C GLN A 353 32.41 25.44 -17.04
N ALA A 354 31.92 25.41 -15.81
CA ALA A 354 32.27 26.38 -14.80
C ALA A 354 33.25 25.85 -13.78
N SER A 355 33.83 24.67 -14.01
CA SER A 355 34.81 24.09 -13.10
C SER A 355 34.21 23.88 -11.71
N GLU A 356 32.95 23.48 -11.68
CA GLU A 356 32.23 23.24 -10.44
C GLU A 356 31.74 21.81 -10.41
N SER A 357 31.87 21.19 -9.25
CA SER A 357 31.51 19.78 -9.12
C SER A 357 30.00 19.63 -9.28
N GLY A 358 29.61 18.64 -10.08
CA GLY A 358 28.21 18.40 -10.40
C GLY A 358 27.77 16.99 -10.12
N LYS A 359 26.85 16.83 -9.18
CA LYS A 359 26.26 15.54 -8.86
C LYS A 359 24.76 15.68 -8.76
N VAL A 360 24.07 14.81 -9.48
CA VAL A 360 22.63 14.75 -9.46
C VAL A 360 22.23 13.46 -8.78
N ILE A 361 21.13 13.53 -8.06
CA ILE A 361 20.53 12.36 -7.47
C ILE A 361 19.06 12.36 -7.79
N VAL A 362 18.56 11.20 -8.13
CA VAL A 362 17.16 10.98 -8.37
C VAL A 362 16.60 10.24 -7.18
N LEU A 363 15.42 10.65 -6.76
CA LEU A 363 14.70 9.99 -5.70
C LEU A 363 13.41 9.44 -6.23
N VAL A 364 13.10 8.23 -5.84
CA VAL A 364 11.84 7.60 -6.18
C VAL A 364 11.28 6.96 -4.93
N ASN A 365 10.01 6.58 -5.03
CA ASN A 365 9.30 6.04 -3.90
C ASN A 365 9.23 4.53 -3.89
N LYS A 366 9.32 3.90 -5.04
CA LYS A 366 9.29 2.45 -5.16
C LYS A 366 10.67 1.90 -5.47
N VAL A 367 10.73 0.58 -5.55
CA VAL A 367 11.97 -0.10 -5.85
C VAL A 367 12.18 -0.23 -7.35
N MET A 368 11.12 -0.55 -8.08
CA MET A 368 11.32 -0.97 -9.44
C MET A 368 11.67 0.19 -10.33
N LEU A 369 11.15 1.36 -10.00
CA LEU A 369 11.40 2.53 -10.84
C LEU A 369 12.88 2.85 -10.93
N ALA A 370 13.66 2.49 -9.91
CA ALA A 370 15.07 2.81 -9.95
C ALA A 370 15.76 2.05 -11.08
N GLU A 371 15.67 0.72 -11.03
CA GLU A 371 16.24 -0.10 -12.08
C GLU A 371 15.63 0.22 -13.42
N GLN A 372 14.32 0.42 -13.42
CA GLN A 372 13.57 0.82 -14.59
C GLN A 372 14.25 1.99 -15.31
N LEU A 373 14.37 3.10 -14.61
CA LEU A 373 14.93 4.29 -15.21
C LEU A 373 16.41 4.14 -15.49
N PHE A 374 17.12 3.37 -14.67
CA PHE A 374 18.52 3.12 -14.93
C PHE A 374 18.70 2.47 -16.29
N ARG A 375 17.78 1.59 -16.64
CA ARG A 375 17.93 0.85 -17.87
C ARG A 375 17.44 1.66 -19.06
N LYS A 376 16.26 2.26 -18.94
CA LYS A 376 15.59 2.70 -20.15
C LYS A 376 15.90 4.12 -20.53
N GLU A 377 16.15 5.00 -19.58
CA GLU A 377 16.20 6.42 -19.87
C GLU A 377 17.55 7.04 -19.61
N PHE A 378 18.08 6.90 -18.40
CA PHE A 378 19.29 7.63 -18.07
C PHE A 378 20.50 7.02 -18.72
N ASN A 379 20.70 5.72 -18.53
CA ASN A 379 21.91 5.09 -19.03
C ASN A 379 22.00 5.13 -20.53
N PRO A 380 20.97 4.77 -21.29
CA PRO A 380 21.12 4.73 -22.75
C PRO A 380 21.54 6.02 -23.38
N TYR A 381 21.38 7.14 -22.70
CA TYR A 381 21.75 8.43 -23.24
C TYR A 381 22.98 9.03 -22.62
N LEU A 382 23.29 8.70 -21.37
CA LEU A 382 24.35 9.36 -20.63
C LEU A 382 25.49 8.42 -20.30
N LYS A 383 25.46 7.21 -20.84
CA LYS A 383 26.55 6.28 -20.66
C LYS A 383 27.88 6.89 -21.06
N LYS A 384 27.88 7.66 -22.14
CA LYS A 384 29.13 8.03 -22.77
C LYS A 384 29.80 9.18 -22.07
N TRP A 385 29.03 10.12 -21.56
CA TRP A 385 29.62 11.29 -20.95
C TRP A 385 29.89 11.12 -19.47
N TYR A 386 29.06 10.33 -18.78
CA TYR A 386 29.03 10.36 -17.34
C TYR A 386 28.87 8.97 -16.74
N ARG A 387 28.96 8.92 -15.42
CA ARG A 387 28.88 7.70 -14.63
C ARG A 387 27.55 7.63 -13.93
N ILE A 388 26.86 6.51 -14.11
CA ILE A 388 25.51 6.32 -13.63
C ILE A 388 25.50 5.09 -12.76
N ILE A 389 24.52 5.04 -11.86
CA ILE A 389 24.30 3.89 -11.01
C ILE A 389 22.86 3.91 -10.53
N GLY A 390 22.36 2.72 -10.16
CA GLY A 390 21.01 2.57 -9.65
C GLY A 390 20.97 1.77 -8.38
N LEU A 391 20.43 2.37 -7.31
CA LEU A 391 20.47 1.81 -5.97
C LEU A 391 19.06 1.49 -5.52
N SER A 392 18.97 0.63 -4.52
CA SER A 392 17.69 0.24 -3.94
C SER A 392 17.93 -0.68 -2.77
N GLY A 393 16.84 -1.10 -2.13
CA GLY A 393 16.91 -2.11 -1.11
C GLY A 393 17.12 -3.51 -1.62
N ASP A 394 17.33 -3.66 -2.93
CA ASP A 394 17.50 -4.96 -3.55
C ASP A 394 18.82 -5.03 -4.30
N THR A 395 19.88 -4.51 -3.68
CA THR A 395 21.22 -4.64 -4.24
C THR A 395 22.18 -4.86 -3.08
N GLN A 396 23.45 -4.70 -3.36
CA GLN A 396 24.48 -4.77 -2.34
C GLN A 396 25.25 -3.48 -2.25
N LEU A 397 24.94 -2.51 -3.10
CA LEU A 397 25.61 -1.23 -3.08
C LEU A 397 25.10 -0.31 -1.99
N LYS A 398 24.08 -0.72 -1.25
CA LYS A 398 23.60 0.08 -0.13
C LYS A 398 24.68 0.29 0.90
N ILE A 399 25.69 -0.56 0.94
CA ILE A 399 26.50 -0.69 2.13
C ILE A 399 27.38 0.53 2.29
N SER A 400 28.15 0.87 1.26
CA SER A 400 28.98 2.05 1.28
C SER A 400 28.35 3.15 0.45
N PHE A 401 27.18 3.56 0.85
CA PHE A 401 26.52 4.63 0.15
C PHE A 401 27.29 5.95 0.22
N PRO A 402 27.97 6.28 1.32
CA PRO A 402 28.78 7.49 1.30
C PRO A 402 29.87 7.45 0.26
N GLU A 403 30.28 6.28 -0.15
CA GLU A 403 31.42 6.17 -1.05
C GLU A 403 31.01 6.28 -2.49
N VAL A 404 29.86 5.73 -2.84
CA VAL A 404 29.39 5.81 -4.22
C VAL A 404 29.21 7.26 -4.60
N VAL A 405 28.89 8.09 -3.63
CA VAL A 405 28.79 9.52 -3.86
C VAL A 405 30.12 10.05 -4.34
N LYS A 406 31.20 9.51 -3.80
CA LYS A 406 32.53 9.95 -4.21
C LYS A 406 32.81 9.65 -5.67
N SER A 407 31.97 8.84 -6.31
CA SER A 407 31.99 8.67 -7.75
C SER A 407 30.55 8.84 -8.24
N TYR A 408 30.30 8.43 -9.48
CA TYR A 408 28.94 8.22 -9.98
C TYR A 408 28.12 9.52 -9.88
N ASP A 409 28.54 10.47 -10.72
CA ASP A 409 27.94 11.78 -10.75
C ASP A 409 26.43 11.74 -10.88
N VAL A 410 25.89 10.67 -11.45
CA VAL A 410 24.46 10.45 -11.57
C VAL A 410 24.13 9.30 -10.64
N ILE A 411 23.22 9.56 -9.72
CA ILE A 411 22.69 8.54 -8.84
C ILE A 411 21.20 8.45 -9.04
N ILE A 412 20.71 7.22 -9.06
CA ILE A 412 19.32 6.90 -8.89
C ILE A 412 19.19 6.22 -7.54
N SER A 413 18.08 6.44 -6.88
CA SER A 413 17.89 5.85 -5.56
C SER A 413 16.46 5.84 -5.11
N THR A 414 16.09 4.72 -4.51
CA THR A 414 15.04 4.70 -3.52
C THR A 414 15.39 5.67 -2.42
N ALA A 415 14.37 6.18 -1.76
CA ALA A 415 14.54 7.37 -0.95
C ALA A 415 15.22 7.05 0.36
N GLN A 416 14.59 6.21 1.16
CA GLN A 416 14.94 6.10 2.57
C GLN A 416 16.39 5.69 2.78
N ILE A 417 17.01 5.15 1.75
CA ILE A 417 18.47 5.03 1.72
C ILE A 417 19.09 6.31 2.19
N LEU A 418 18.69 7.39 1.53
CA LEU A 418 19.32 8.68 1.76
C LEU A 418 19.10 9.11 3.18
N GLU A 419 17.84 9.12 3.60
CA GLU A 419 17.49 9.57 4.94
C GLU A 419 18.24 8.79 5.98
N ASN A 420 18.36 7.50 5.78
CA ASN A 420 19.14 6.69 6.68
C ASN A 420 20.55 7.21 6.77
N SER A 421 21.13 7.55 5.62
CA SER A 421 22.50 7.99 5.66
C SER A 421 22.63 9.33 6.35
N LEU A 422 21.66 10.21 6.14
CA LEU A 422 21.71 11.51 6.77
C LEU A 422 21.65 11.37 8.28
N LEU A 423 20.70 10.57 8.75
CA LEU A 423 20.59 10.41 10.18
C LEU A 423 21.75 9.64 10.76
N ASN A 424 22.44 8.83 9.96
CA ASN A 424 23.64 8.18 10.47
C ASN A 424 24.77 9.17 10.61
N LEU A 425 24.88 10.10 9.66
CA LEU A 425 25.83 11.19 9.83
C LEU A 425 25.50 12.02 11.06
N GLU A 426 24.23 12.21 11.35
CA GLU A 426 23.82 13.13 12.41
C GLU A 426 23.51 12.42 13.72
N SER A 427 23.64 11.10 13.78
CA SER A 427 23.31 10.33 14.97
C SER A 427 24.48 9.52 15.48
N GLY A 428 25.14 8.76 14.62
CA GLY A 428 26.32 8.01 14.97
C GLY A 428 27.58 8.65 14.42
N ASP A 429 28.70 7.95 14.60
CA ASP A 429 29.96 8.40 14.06
C ASP A 429 30.24 7.83 12.68
N ASP A 430 29.21 7.32 12.00
CA ASP A 430 29.40 6.79 10.67
C ASP A 430 29.78 7.91 9.71
N ASP A 431 30.22 7.50 8.52
CA ASP A 431 30.65 8.48 7.52
C ASP A 431 29.48 9.37 7.11
N GLY A 432 28.41 8.78 6.62
CA GLY A 432 27.24 9.55 6.27
C GLY A 432 27.48 10.50 5.12
N VAL A 433 26.52 11.42 4.98
CA VAL A 433 26.56 12.39 3.90
C VAL A 433 25.65 13.55 4.28
N GLN A 434 25.89 14.70 3.65
CA GLN A 434 25.03 15.85 3.74
C GLN A 434 24.62 16.29 2.35
N LEU A 435 23.64 17.17 2.32
CA LEU A 435 23.14 17.69 1.07
C LEU A 435 24.17 18.50 0.34
N SER A 436 25.11 19.09 1.07
CA SER A 436 26.13 19.92 0.46
C SER A 436 26.93 19.18 -0.59
N ASP A 437 26.96 17.86 -0.52
CA ASP A 437 27.69 17.05 -1.47
C ASP A 437 26.93 16.87 -2.78
N PHE A 438 25.79 17.51 -2.94
CA PHE A 438 25.03 17.46 -4.16
C PHE A 438 24.98 18.81 -4.85
N SER A 439 24.45 18.80 -6.07
CA SER A 439 24.11 20.03 -6.76
C SER A 439 22.73 19.96 -7.42
N LEU A 440 22.03 18.86 -7.27
CA LEU A 440 20.68 18.79 -7.79
C LEU A 440 19.98 17.61 -7.16
N ILE A 441 18.67 17.73 -7.02
CA ILE A 441 17.82 16.65 -6.59
C ILE A 441 16.63 16.62 -7.49
N ILE A 442 16.50 15.57 -8.23
CA ILE A 442 15.35 15.35 -9.07
C ILE A 442 14.50 14.31 -8.39
N ILE A 443 13.21 14.48 -8.56
CA ILE A 443 12.20 13.78 -7.79
C ILE A 443 11.12 13.34 -8.73
N ASP A 444 10.50 12.23 -8.37
CA ASP A 444 9.34 11.70 -9.05
C ASP A 444 8.18 11.67 -8.08
N GLU A 445 6.97 11.88 -8.63
CA GLU A 445 5.74 11.81 -7.88
C GLU A 445 5.75 12.78 -6.70
N CYS A 446 5.77 14.06 -7.07
CA CYS A 446 5.78 15.15 -6.11
C CYS A 446 4.73 14.99 -5.03
N HIS A 447 3.57 14.47 -5.40
CA HIS A 447 2.42 14.59 -4.55
C HIS A 447 2.46 13.72 -3.31
N HIS A 448 3.51 12.97 -3.10
CA HIS A 448 3.65 12.28 -1.84
C HIS A 448 4.25 13.14 -0.75
N THR A 449 4.71 14.34 -1.08
CA THR A 449 5.26 15.23 -0.10
C THR A 449 4.18 15.81 0.78
N ASN A 450 3.85 15.10 1.84
CA ASN A 450 2.82 15.50 2.76
C ASN A 450 3.27 15.07 4.14
N LYS A 451 2.32 15.00 5.07
CA LYS A 451 2.58 14.73 6.46
C LYS A 451 3.42 13.50 6.65
N GLU A 452 4.64 13.71 7.13
CA GLU A 452 5.69 12.84 7.64
C GLU A 452 5.87 11.61 6.76
N ALA A 453 5.75 11.80 5.46
CA ALA A 453 6.06 10.76 4.52
C ALA A 453 7.57 10.68 4.39
N VAL A 454 8.02 9.85 3.46
CA VAL A 454 9.41 9.89 3.08
C VAL A 454 9.47 10.19 1.61
N TYR A 455 9.29 11.45 1.37
CA TYR A 455 10.45 12.30 1.27
C TYR A 455 9.90 13.65 1.71
N ASN A 456 10.01 13.87 2.96
CA ASN A 456 9.73 15.21 3.44
C ASN A 456 10.62 15.60 4.60
N ASN A 457 11.10 14.61 5.35
CA ASN A 457 12.27 14.76 6.18
C ASN A 457 13.34 15.49 5.43
N ILE A 458 13.53 15.07 4.20
CA ILE A 458 14.62 15.57 3.39
C ILE A 458 14.41 17.05 3.17
N MET A 459 13.22 17.41 2.81
CA MET A 459 12.95 18.78 2.50
C MET A 459 12.84 19.61 3.74
N ARG A 460 12.41 19.00 4.84
CA ARG A 460 12.38 19.77 6.06
C ARG A 460 13.80 20.13 6.46
N ARG A 461 14.73 19.23 6.19
CA ARG A 461 16.11 19.54 6.51
C ARG A 461 16.66 20.57 5.53
N TYR A 462 16.31 20.43 4.26
CA TYR A 462 16.72 21.40 3.27
C TYR A 462 16.25 22.78 3.64
N LEU A 463 15.02 22.87 4.11
CA LEU A 463 14.46 24.18 4.44
C LEU A 463 15.06 24.70 5.71
N LYS A 464 15.37 23.82 6.65
CA LYS A 464 16.03 24.25 7.87
C LYS A 464 17.35 24.90 7.55
N GLN A 465 18.11 24.27 6.66
CA GLN A 465 19.37 24.84 6.28
C GLN A 465 19.18 26.11 5.47
N LYS A 466 18.11 26.17 4.68
CA LYS A 466 17.87 27.38 3.91
C LYS A 466 17.60 28.55 4.83
N LEU A 467 16.84 28.31 5.89
CA LEU A 467 16.59 29.39 6.82
C LEU A 467 17.85 29.75 7.58
N ARG A 468 18.72 28.76 7.81
CA ARG A 468 20.02 29.08 8.34
C ARG A 468 20.75 30.04 7.41
N ASN A 469 20.70 29.76 6.12
CA ASN A 469 21.34 30.62 5.13
C ASN A 469 20.73 32.00 5.13
N ASN A 470 19.41 32.06 5.26
CA ASN A 470 18.75 33.34 5.20
C ASN A 470 19.11 34.18 6.41
N ASP A 471 19.14 33.55 7.58
CA ASP A 471 19.58 34.26 8.77
C ASP A 471 21.03 34.68 8.65
N LEU A 472 21.83 33.91 7.93
CA LEU A 472 23.21 34.32 7.68
C LEU A 472 23.25 35.58 6.85
N LYS A 473 22.43 35.62 5.80
CA LYS A 473 22.47 36.74 4.87
C LYS A 473 22.21 38.05 5.60
N LYS A 474 21.35 38.02 6.61
CA LYS A 474 21.11 39.17 7.45
C LYS A 474 22.02 39.11 8.67
N ALA A 479 27.45 31.36 3.89
CA ALA A 479 26.30 30.83 3.17
C ALA A 479 26.66 29.57 2.41
N ILE A 480 26.11 28.45 2.87
CA ILE A 480 26.35 27.17 2.17
C ILE A 480 25.62 27.19 0.84
N PRO A 481 26.24 26.77 -0.26
CA PRO A 481 25.49 26.65 -1.50
C PRO A 481 24.56 25.46 -1.49
N LEU A 482 23.28 25.73 -1.43
CA LEU A 482 22.32 24.64 -1.40
C LEU A 482 22.08 24.11 -2.81
N PRO A 483 21.71 22.85 -2.93
CA PRO A 483 21.44 22.30 -4.25
C PRO A 483 20.18 22.84 -4.89
N GLN A 484 19.99 22.48 -6.14
CA GLN A 484 18.78 22.78 -6.86
C GLN A 484 17.85 21.59 -6.69
N ILE A 485 16.56 21.84 -6.84
CA ILE A 485 15.55 20.83 -6.68
C ILE A 485 14.64 20.89 -7.88
N LEU A 486 14.19 19.74 -8.32
CA LEU A 486 13.29 19.66 -9.45
C LEU A 486 12.30 18.53 -9.21
N GLY A 487 11.07 18.92 -8.90
CA GLY A 487 10.01 17.96 -8.71
C GLY A 487 9.23 17.75 -9.99
N LEU A 488 8.93 16.50 -10.26
CA LEU A 488 8.19 16.06 -11.43
C LEU A 488 6.99 15.28 -10.96
N THR A 489 5.87 15.47 -11.65
CA THR A 489 4.67 14.73 -11.32
C THR A 489 3.76 14.71 -12.53
N ALA A 490 2.56 14.17 -12.30
CA ALA A 490 1.45 14.29 -13.22
C ALA A 490 0.46 15.33 -12.76
N SER A 491 0.13 15.29 -11.48
CA SER A 491 -0.75 16.28 -10.89
C SER A 491 -0.56 16.27 -9.39
N PRO A 492 -0.31 17.41 -8.77
CA PRO A 492 -0.05 17.41 -7.34
C PRO A 492 -1.25 17.09 -6.50
N GLY A 493 -2.45 17.29 -7.03
CA GLY A 493 -3.61 16.84 -6.31
C GLY A 493 -4.05 17.71 -5.15
N VAL A 494 -5.36 17.87 -5.05
CA VAL A 494 -5.96 18.61 -3.95
C VAL A 494 -5.99 17.71 -2.74
N GLY A 495 -5.43 18.20 -1.64
CA GLY A 495 -5.38 17.40 -0.44
C GLY A 495 -6.58 17.52 0.45
N ALA A 496 -7.70 16.94 0.02
CA ALA A 496 -8.86 16.80 0.87
C ALA A 496 -9.37 18.16 1.31
N ALA A 497 -9.81 18.94 0.33
CA ALA A 497 -10.31 20.28 0.58
C ALA A 497 -11.55 20.50 -0.26
N LYS A 498 -12.62 20.93 0.38
CA LYS A 498 -14.00 21.34 0.19
C LYS A 498 -14.12 22.75 -0.35
N LYS A 499 -13.02 23.40 -0.69
CA LYS A 499 -13.06 24.75 -1.23
C LYS A 499 -11.89 24.92 -2.17
N GLN A 500 -12.08 25.82 -3.12
CA GLN A 500 -10.98 26.15 -4.00
C GLN A 500 -9.86 26.84 -3.24
N SER A 501 -10.19 27.55 -2.17
CA SER A 501 -9.16 28.27 -1.45
C SER A 501 -8.29 27.34 -0.65
N GLU A 502 -8.90 26.36 0.01
CA GLU A 502 -8.08 25.41 0.74
C GLU A 502 -7.27 24.57 -0.23
N ALA A 503 -7.80 24.35 -1.42
CA ALA A 503 -7.04 23.68 -2.46
C ALA A 503 -5.78 24.46 -2.77
N GLU A 504 -5.95 25.75 -3.01
CA GLU A 504 -4.80 26.62 -3.22
C GLU A 504 -3.82 26.48 -2.08
N LYS A 505 -4.33 26.53 -0.86
CA LYS A 505 -3.48 26.45 0.31
C LYS A 505 -2.65 25.18 0.28
N HIS A 506 -3.26 24.10 -0.17
CA HIS A 506 -2.55 22.84 -0.22
C HIS A 506 -1.46 22.86 -1.26
N ILE A 507 -1.75 23.44 -2.41
CA ILE A 507 -0.74 23.53 -3.45
C ILE A 507 0.44 24.30 -2.94
N LEU A 508 0.16 25.41 -2.26
CA LEU A 508 1.25 26.20 -1.75
C LEU A 508 1.99 25.44 -0.69
N ASN A 509 1.30 24.57 0.02
CA ASN A 509 1.97 23.76 1.02
C ASN A 509 2.97 22.85 0.37
N ILE A 510 2.58 22.25 -0.74
CA ILE A 510 3.51 21.43 -1.49
C ILE A 510 4.72 22.25 -1.88
N CYS A 511 4.45 23.39 -2.49
CA CYS A 511 5.52 24.19 -3.04
C CYS A 511 6.49 24.60 -1.96
N ALA A 512 5.98 24.87 -0.76
CA ALA A 512 6.85 25.22 0.34
C ALA A 512 7.65 24.01 0.76
N ASN A 513 7.03 22.85 0.69
CA ASN A 513 7.79 21.65 0.99
C ASN A 513 8.74 21.27 -0.11
N LEU A 514 8.70 21.97 -1.24
CA LEU A 514 9.69 21.78 -2.28
C LEU A 514 10.45 23.05 -2.63
N ASP A 515 10.21 24.16 -1.93
CA ASP A 515 10.98 25.38 -2.13
C ASP A 515 10.86 25.85 -3.57
N ALA A 516 9.71 25.61 -4.17
CA ALA A 516 9.54 25.85 -5.58
C ALA A 516 9.52 27.35 -5.87
N PHE A 517 9.57 27.65 -7.16
CA PHE A 517 9.39 28.99 -7.69
C PHE A 517 8.14 29.11 -8.53
N THR A 518 7.72 28.03 -9.16
CA THR A 518 6.50 28.00 -9.97
C THR A 518 5.96 26.58 -9.97
N ILE A 519 5.08 26.32 -10.94
CA ILE A 519 4.60 25.01 -11.28
C ILE A 519 4.91 24.63 -12.71
N LYS A 520 4.69 25.55 -13.65
CA LYS A 520 4.95 25.36 -15.06
C LYS A 520 4.14 24.19 -15.62
N THR A 521 2.84 24.44 -15.69
CA THR A 521 1.99 23.65 -16.57
C THR A 521 2.21 24.11 -18.00
N VAL A 522 2.03 23.18 -18.93
CA VAL A 522 2.08 23.52 -20.34
C VAL A 522 0.79 24.23 -20.73
N LYS A 523 0.92 25.36 -21.42
CA LYS A 523 -0.24 26.06 -21.94
C LYS A 523 -0.07 26.44 -23.40
N GLU A 524 1.13 26.85 -23.78
CA GLU A 524 1.31 27.48 -25.08
C GLU A 524 1.23 26.46 -26.20
N ASN A 525 2.18 25.54 -26.24
CA ASN A 525 2.26 24.55 -27.30
C ASN A 525 1.37 23.36 -26.94
N LEU A 526 0.09 23.67 -26.83
CA LEU A 526 -0.89 22.74 -26.31
C LEU A 526 -1.45 21.83 -27.38
N GLY A 527 -1.57 22.31 -28.61
CA GLY A 527 -2.16 21.49 -29.65
C GLY A 527 -1.29 20.30 -30.00
N GLN A 528 0.03 20.50 -29.95
CA GLN A 528 0.95 19.40 -30.19
C GLN A 528 0.73 18.29 -29.18
N LEU A 529 0.41 18.67 -27.95
CA LEU A 529 0.09 17.69 -26.94
C LEU A 529 -1.18 16.95 -27.32
N LYS A 530 -2.23 17.70 -27.63
CA LYS A 530 -3.51 17.08 -27.91
C LYS A 530 -3.41 16.12 -29.09
N HIS A 531 -2.54 16.42 -30.03
CA HIS A 531 -2.34 15.51 -31.14
C HIS A 531 -1.53 14.30 -30.70
N GLN A 532 -0.39 14.54 -30.06
CA GLN A 532 0.46 13.45 -29.64
C GLN A 532 -0.16 12.66 -28.50
N ILE A 533 -0.94 13.34 -27.67
CA ILE A 533 -1.48 12.78 -26.45
C ILE A 533 -2.95 13.08 -26.43
N LYS A 534 -3.72 12.10 -25.96
CA LYS A 534 -5.16 12.20 -25.93
C LYS A 534 -5.67 11.50 -24.69
N GLU A 535 -6.94 11.73 -24.41
CA GLU A 535 -7.61 11.12 -23.29
C GLU A 535 -8.43 9.92 -23.73
N PRO A 536 -8.85 9.08 -22.80
CA PRO A 536 -9.94 8.15 -23.06
C PRO A 536 -11.27 8.84 -22.86
N CYS A 537 -12.35 8.08 -23.04
CA CYS A 537 -13.70 8.55 -22.82
C CYS A 537 -14.24 7.99 -21.53
N LYS A 538 -14.70 8.87 -20.66
CA LYS A 538 -15.29 8.43 -19.41
C LYS A 538 -16.63 7.76 -19.69
N LYS A 539 -16.99 6.85 -18.82
CA LYS A 539 -18.14 6.00 -19.05
C LYS A 539 -18.51 5.31 -17.76
N PHE A 540 -19.81 5.20 -17.51
CA PHE A 540 -20.34 4.50 -16.36
C PHE A 540 -21.22 3.35 -16.82
N VAL A 541 -21.31 2.35 -15.96
CA VAL A 541 -22.20 1.23 -16.15
C VAL A 541 -22.70 0.87 -14.76
N ILE A 542 -24.00 0.78 -14.61
CA ILE A 542 -24.63 0.65 -13.30
C ILE A 542 -25.64 -0.48 -13.39
N ALA A 543 -25.84 -1.16 -12.26
CA ALA A 543 -26.82 -2.22 -12.15
C ALA A 543 -27.47 -2.13 -10.78
N ASP A 544 -28.54 -2.90 -10.61
CA ASP A 544 -29.29 -2.94 -9.37
C ASP A 544 -29.76 -4.37 -9.13
N ASP A 545 -29.95 -4.72 -7.86
CA ASP A 545 -30.31 -6.09 -7.51
C ASP A 545 -31.27 -6.08 -6.33
N THR A 546 -32.49 -6.59 -6.54
CA THR A 546 -33.29 -7.03 -5.40
C THR A 546 -33.88 -8.38 -5.77
N ARG A 547 -33.08 -9.43 -5.65
CA ARG A 547 -33.63 -10.79 -5.60
C ARG A 547 -33.08 -11.61 -4.46
N GLU A 548 -31.75 -11.60 -4.26
CA GLU A 548 -31.04 -12.25 -3.14
C GLU A 548 -31.58 -13.64 -2.84
N ASN A 549 -31.93 -14.41 -3.88
CA ASN A 549 -33.06 -15.29 -3.80
C ASN A 549 -32.90 -16.36 -2.72
N PRO A 550 -32.00 -17.31 -2.87
CA PRO A 550 -31.96 -18.39 -1.87
C PRO A 550 -31.04 -18.08 -0.71
N PHE A 551 -29.98 -17.33 -1.01
CA PHE A 551 -28.73 -17.56 -0.34
C PHE A 551 -28.52 -16.60 0.82
N LYS A 552 -28.67 -15.31 0.54
CA LYS A 552 -28.44 -14.27 1.53
C LYS A 552 -29.19 -14.59 2.80
N GLU A 553 -30.51 -14.69 2.69
CA GLU A 553 -31.34 -15.03 3.83
C GLU A 553 -30.91 -16.33 4.47
N LYS A 554 -30.44 -17.27 3.65
CA LYS A 554 -29.97 -18.54 4.17
C LYS A 554 -28.82 -18.33 5.13
N LEU A 555 -28.06 -17.26 4.95
CA LEU A 555 -26.99 -16.94 5.89
C LEU A 555 -27.47 -16.06 7.04
N LEU A 556 -28.36 -15.13 6.73
CA LEU A 556 -28.86 -14.23 7.76
C LEU A 556 -29.54 -15.02 8.85
N GLU A 557 -30.18 -16.12 8.48
CA GLU A 557 -30.78 -17.01 9.46
C GLU A 557 -29.73 -17.49 10.45
N ILE A 558 -28.61 -17.94 9.92
CA ILE A 558 -27.56 -18.48 10.77
C ILE A 558 -27.07 -17.40 11.71
N MET A 559 -26.83 -16.23 11.16
CA MET A 559 -26.27 -15.16 11.96
C MET A 559 -27.21 -14.77 13.07
N ALA A 560 -28.49 -14.70 12.74
CA ALA A 560 -29.49 -14.37 13.72
C ALA A 560 -29.52 -15.40 14.81
N SER A 561 -29.42 -16.67 14.43
CA SER A 561 -29.44 -17.74 15.41
C SER A 561 -28.27 -17.61 16.36
N ILE A 562 -27.11 -17.28 15.82
CA ILE A 562 -25.93 -17.16 16.66
C ILE A 562 -26.12 -16.01 17.64
N GLN A 563 -26.66 -14.91 17.15
CA GLN A 563 -26.82 -13.75 18.03
C GLN A 563 -27.79 -14.07 19.13
N THR A 564 -28.92 -14.68 18.77
CA THR A 564 -29.90 -15.06 19.76
C THR A 564 -29.43 -16.18 20.65
N TYR A 565 -28.32 -16.82 20.29
CA TYR A 565 -27.61 -17.66 21.23
C TYR A 565 -26.68 -16.85 22.12
N CYS A 566 -26.23 -15.71 21.65
CA CYS A 566 -25.25 -14.90 22.37
C CYS A 566 -25.88 -13.79 23.20
N GLN A 567 -27.09 -13.37 22.84
CA GLN A 567 -27.73 -12.23 23.49
C GLN A 567 -26.87 -10.98 23.36
N LYS A 568 -26.70 -10.55 22.11
CA LYS A 568 -26.01 -9.31 21.81
C LYS A 568 -26.78 -8.56 20.74
N SER A 569 -27.09 -7.30 21.02
CA SER A 569 -27.89 -6.47 20.15
C SER A 569 -26.98 -5.57 19.35
N PRO A 570 -26.85 -5.74 18.03
CA PRO A 570 -25.94 -4.86 17.29
C PRO A 570 -26.39 -3.42 17.23
N MET A 571 -27.67 -3.18 17.06
CA MET A 571 -28.18 -1.87 16.66
C MET A 571 -27.59 -1.52 15.30
N SER A 572 -27.68 -2.46 14.38
CA SER A 572 -27.07 -2.31 13.07
C SER A 572 -27.61 -3.38 12.14
N ASP A 573 -26.99 -3.48 10.98
CA ASP A 573 -27.46 -4.30 9.87
C ASP A 573 -26.45 -5.40 9.56
N PHE A 574 -26.93 -6.42 8.88
CA PHE A 574 -26.10 -7.50 8.38
C PHE A 574 -25.54 -7.13 7.01
N GLY A 575 -24.25 -7.34 6.84
CA GLY A 575 -23.63 -7.22 5.54
C GLY A 575 -23.08 -5.85 5.32
N THR A 576 -22.46 -5.29 6.34
CA THR A 576 -21.87 -3.97 6.24
C THR A 576 -20.63 -3.91 7.10
N GLN A 577 -20.17 -2.71 7.36
CA GLN A 577 -18.89 -2.47 7.99
C GLN A 577 -19.00 -2.04 9.43
N HIS A 578 -20.08 -1.37 9.78
CA HIS A 578 -20.23 -0.99 11.17
C HIS A 578 -20.46 -2.22 12.03
N TYR A 579 -21.21 -3.18 11.48
CA TYR A 579 -21.43 -4.45 12.16
C TYR A 579 -20.10 -5.13 12.44
N GLU A 580 -19.20 -5.07 11.46
CA GLU A 580 -17.88 -5.64 11.64
C GLU A 580 -17.17 -4.99 12.80
N GLN A 581 -17.12 -3.66 12.81
CA GLN A 581 -16.47 -2.92 13.87
C GLN A 581 -17.01 -3.32 15.22
N TRP A 582 -18.32 -3.49 15.30
CA TRP A 582 -18.92 -3.91 16.54
C TRP A 582 -18.40 -5.27 16.94
N ALA A 583 -18.32 -6.19 15.99
CA ALA A 583 -17.82 -7.52 16.29
C ALA A 583 -16.41 -7.45 16.83
N ILE A 584 -15.60 -6.57 16.25
CA ILE A 584 -14.22 -6.45 16.68
C ILE A 584 -14.17 -6.01 18.13
N GLN A 585 -14.84 -4.92 18.44
CA GLN A 585 -14.69 -4.37 19.78
C GLN A 585 -15.33 -5.29 20.80
N MET A 586 -16.36 -6.00 20.39
CA MET A 586 -16.98 -6.97 21.26
C MET A 586 -16.02 -8.10 21.58
N GLU A 587 -15.36 -8.63 20.55
CA GLU A 587 -14.38 -9.68 20.76
C GLU A 587 -13.28 -9.19 21.69
N LYS A 588 -12.78 -7.98 21.45
CA LYS A 588 -11.72 -7.44 22.28
C LYS A 588 -12.16 -7.29 23.71
N LYS A 589 -13.40 -6.87 23.91
CA LYS A 589 -13.90 -6.72 25.26
C LYS A 589 -14.03 -8.07 25.94
N ALA A 590 -14.59 -9.06 25.23
CA ALA A 590 -14.75 -10.38 25.80
C ALA A 590 -13.42 -10.99 26.17
N ALA A 591 -12.38 -10.64 25.42
CA ALA A 591 -11.07 -11.18 25.72
C ALA A 591 -10.43 -10.44 26.89
N LYS A 592 -10.60 -9.12 26.95
CA LYS A 592 -10.09 -8.36 28.09
C LYS A 592 -10.77 -8.79 29.36
N ASP A 593 -12.01 -9.26 29.25
CA ASP A 593 -12.71 -9.83 30.39
C ASP A 593 -12.37 -11.30 30.56
N GLY A 594 -12.37 -12.05 29.46
CA GLY A 594 -12.07 -13.46 29.46
C GLY A 594 -13.23 -14.36 29.12
N ASN A 595 -14.42 -13.81 28.95
CA ASN A 595 -15.61 -14.62 28.68
C ASN A 595 -15.58 -15.10 27.24
N ARG A 596 -15.58 -16.41 27.08
CA ARG A 596 -15.85 -17.03 25.80
C ARG A 596 -17.37 -17.01 25.55
N LYS A 597 -17.82 -17.73 24.52
CA LYS A 597 -19.19 -17.83 24.02
C LYS A 597 -19.60 -16.59 23.23
N ASP A 598 -18.80 -15.54 23.32
CA ASP A 598 -19.10 -14.26 22.74
C ASP A 598 -18.04 -13.84 21.76
N ARG A 599 -16.80 -14.00 22.18
CA ARG A 599 -15.65 -13.71 21.36
C ARG A 599 -15.58 -14.62 20.16
N VAL A 600 -15.80 -15.91 20.38
CA VAL A 600 -15.54 -16.88 19.33
C VAL A 600 -16.66 -16.82 18.31
N CYS A 601 -17.86 -16.62 18.81
CA CYS A 601 -18.98 -16.33 17.94
C CYS A 601 -18.70 -15.07 17.14
N ALA A 602 -18.11 -14.05 17.79
CA ALA A 602 -17.77 -12.83 17.08
C ALA A 602 -16.79 -13.13 15.96
N GLU A 603 -15.81 -13.97 16.24
CA GLU A 603 -14.80 -14.31 15.26
C GLU A 603 -15.45 -14.98 14.07
N HIS A 604 -16.51 -15.73 14.30
CA HIS A 604 -17.19 -16.35 13.17
C HIS A 604 -18.06 -15.36 12.44
N LEU A 605 -18.80 -14.55 13.20
CA LEU A 605 -19.69 -13.57 12.61
C LEU A 605 -18.96 -12.62 11.70
N ARG A 606 -17.72 -12.31 12.05
CA ARG A 606 -16.91 -11.49 11.16
C ARG A 606 -16.75 -12.18 9.82
N LYS A 607 -16.48 -13.48 9.84
CA LYS A 607 -16.29 -14.20 8.60
C LYS A 607 -17.57 -14.21 7.79
N TYR A 608 -18.69 -14.39 8.48
CA TYR A 608 -19.96 -14.40 7.78
C TYR A 608 -20.23 -13.05 7.13
N ASN A 609 -19.94 -11.97 7.85
CA ASN A 609 -20.16 -10.64 7.31
C ASN A 609 -19.29 -10.43 6.09
N GLU A 610 -18.04 -10.89 6.17
CA GLU A 610 -17.13 -10.76 5.04
C GLU A 610 -17.68 -11.50 3.85
N ALA A 611 -18.22 -12.69 4.10
CA ALA A 611 -18.80 -13.49 3.04
C ALA A 611 -19.92 -12.73 2.37
N LEU A 612 -20.75 -12.07 3.16
CA LEU A 612 -21.87 -11.33 2.60
C LEU A 612 -21.37 -10.17 1.77
N GLN A 613 -20.36 -9.48 2.28
CA GLN A 613 -19.83 -8.33 1.57
C GLN A 613 -19.31 -8.75 0.21
N ILE A 614 -18.61 -9.86 0.16
CA ILE A 614 -18.08 -10.29 -1.12
C ILE A 614 -19.17 -10.84 -1.98
N ASN A 615 -20.23 -11.36 -1.36
CA ASN A 615 -21.39 -11.75 -2.13
C ASN A 615 -21.96 -10.57 -2.86
N ASP A 616 -21.90 -9.39 -2.25
CA ASP A 616 -22.38 -8.20 -2.91
C ASP A 616 -21.66 -7.95 -4.23
N THR A 617 -20.44 -8.44 -4.36
CA THR A 617 -19.62 -8.20 -5.54
C THR A 617 -19.25 -9.47 -6.28
N ILE A 618 -19.25 -10.61 -5.60
CA ILE A 618 -18.72 -11.85 -6.12
C ILE A 618 -19.76 -12.94 -5.92
N ARG A 619 -19.61 -14.00 -6.69
CA ARG A 619 -20.47 -15.17 -6.61
C ARG A 619 -20.64 -15.70 -5.19
N MET A 620 -21.73 -16.45 -5.00
CA MET A 620 -21.95 -17.15 -3.75
C MET A 620 -20.89 -18.23 -3.54
N ILE A 621 -20.39 -18.81 -4.63
CA ILE A 621 -19.47 -19.94 -4.51
C ILE A 621 -18.19 -19.51 -3.87
N ASP A 622 -17.75 -18.30 -4.14
CA ASP A 622 -16.51 -17.84 -3.56
C ASP A 622 -16.65 -17.67 -2.06
N ALA A 623 -17.79 -17.15 -1.62
CA ALA A 623 -18.01 -17.01 -0.19
C ALA A 623 -18.13 -18.36 0.48
N TYR A 624 -18.82 -19.28 -0.18
CA TYR A 624 -18.92 -20.64 0.34
C TYR A 624 -17.54 -21.25 0.47
N SER A 625 -16.68 -21.00 -0.51
CA SER A 625 -15.35 -21.54 -0.48
C SER A 625 -14.56 -20.93 0.65
N HIS A 626 -14.66 -19.61 0.80
CA HIS A 626 -14.01 -18.90 1.89
C HIS A 626 -14.35 -19.54 3.22
N LEU A 627 -15.64 -19.75 3.45
CA LEU A 627 -16.06 -20.37 4.69
C LEU A 627 -15.56 -21.79 4.79
N GLU A 628 -15.56 -22.51 3.67
CA GLU A 628 -15.13 -23.90 3.67
C GLU A 628 -13.70 -23.98 4.13
N THR A 629 -12.86 -23.10 3.59
CA THR A 629 -11.48 -23.06 4.00
C THR A 629 -11.38 -22.81 5.49
N PHE A 630 -12.15 -21.84 5.98
CA PHE A 630 -12.10 -21.49 7.39
C PHE A 630 -12.41 -22.69 8.27
N TYR A 631 -13.57 -23.29 8.04
CA TYR A 631 -14.02 -24.32 8.94
C TYR A 631 -13.22 -25.61 8.77
N THR A 632 -12.81 -25.92 7.55
CA THR A 632 -11.92 -27.05 7.32
C THR A 632 -10.66 -26.88 8.13
N ASP A 633 -10.09 -25.68 8.11
CA ASP A 633 -8.91 -25.41 8.90
C ASP A 633 -9.19 -25.64 10.37
N GLU A 634 -10.32 -25.14 10.85
CA GLU A 634 -10.61 -25.26 12.27
C GLU A 634 -10.73 -26.72 12.69
N LYS A 635 -11.38 -27.51 11.86
CA LYS A 635 -11.52 -28.92 12.19
C LYS A 635 -10.17 -29.61 12.20
N GLU A 636 -9.32 -29.27 11.22
CA GLU A 636 -7.99 -29.83 11.21
C GLU A 636 -7.22 -29.44 12.46
N LYS A 637 -7.43 -28.21 12.92
CA LYS A 637 -6.76 -27.75 14.13
C LYS A 637 -7.19 -28.57 15.32
N LYS A 638 -8.49 -28.74 15.47
CA LYS A 638 -8.99 -29.47 16.62
C LYS A 638 -8.57 -30.93 16.58
N PHE A 639 -8.44 -31.50 15.38
CA PHE A 639 -8.00 -32.89 15.28
C PHE A 639 -6.51 -33.02 15.59
N ALA A 640 -5.70 -32.10 15.09
CA ALA A 640 -4.28 -32.14 15.41
C ALA A 640 -4.07 -31.96 16.91
N VAL A 641 -4.90 -31.15 17.56
CA VAL A 641 -4.78 -31.01 19.01
C VAL A 641 -5.20 -32.30 19.70
N LEU A 642 -6.40 -32.79 19.41
CA LEU A 642 -6.93 -33.98 20.05
C LEU A 642 -6.20 -35.24 19.64
N ASN A 643 -5.32 -35.17 18.65
CA ASN A 643 -4.51 -36.31 18.25
C ASN A 643 -3.35 -36.49 19.21
N LYS A 650 -12.48 -29.99 26.06
CA LYS A 650 -12.48 -30.79 24.85
C LYS A 650 -13.84 -30.75 24.17
N LEU A 651 -13.88 -30.13 22.99
CA LEU A 651 -15.12 -29.99 22.24
C LEU A 651 -16.15 -29.22 23.06
N ASP A 652 -15.83 -27.96 23.33
CA ASP A 652 -16.70 -27.12 24.14
C ASP A 652 -18.08 -26.98 23.52
N GLU A 653 -19.03 -26.56 24.35
CA GLU A 653 -20.41 -26.43 23.90
C GLU A 653 -20.51 -25.41 22.78
N THR A 654 -19.70 -24.36 22.84
CA THR A 654 -19.74 -23.30 21.84
C THR A 654 -19.41 -23.89 20.48
N ASP A 655 -18.16 -24.31 20.31
CA ASP A 655 -17.69 -24.76 19.02
C ASP A 655 -18.52 -25.90 18.48
N GLU A 656 -18.97 -26.77 19.36
CA GLU A 656 -19.86 -27.84 18.97
C GLU A 656 -21.14 -27.28 18.37
N PHE A 657 -21.70 -26.28 19.04
CA PHE A 657 -22.93 -25.66 18.56
C PHE A 657 -22.72 -25.01 17.21
N LEU A 658 -21.61 -24.29 17.06
CA LEU A 658 -21.37 -23.55 15.84
C LEU A 658 -21.19 -24.50 14.68
N MET A 659 -20.39 -25.55 14.90
CA MET A 659 -20.16 -26.51 13.85
C MET A 659 -21.44 -27.22 13.47
N ASN A 660 -22.19 -27.69 14.47
CA ASN A 660 -23.46 -28.34 14.19
C ASN A 660 -24.39 -27.41 13.43
N LEU A 661 -24.29 -26.12 13.70
CA LEU A 661 -25.12 -25.18 12.98
C LEU A 661 -24.66 -25.05 11.54
N PHE A 662 -23.36 -25.15 11.31
CA PHE A 662 -22.83 -24.90 9.98
C PHE A 662 -22.93 -26.10 9.07
N PHE A 663 -22.34 -27.21 9.51
CA PHE A 663 -22.15 -28.34 8.63
C PHE A 663 -23.47 -28.93 8.19
N ASP A 664 -24.50 -28.86 9.04
CA ASP A 664 -25.81 -29.35 8.65
C ASP A 664 -26.32 -28.61 7.42
N ASN A 665 -25.95 -27.35 7.29
CA ASN A 665 -26.37 -26.52 6.17
C ASN A 665 -25.33 -26.42 5.09
N LYS A 666 -24.18 -27.05 5.28
CA LYS A 666 -23.10 -26.97 4.31
C LYS A 666 -23.57 -27.42 2.93
N LYS A 667 -24.17 -28.61 2.86
CA LYS A 667 -24.62 -29.14 1.59
C LYS A 667 -25.70 -28.25 0.98
N MET A 668 -26.61 -27.76 1.82
CA MET A 668 -27.63 -26.85 1.36
C MET A 668 -27.00 -25.67 0.67
N LEU A 669 -26.15 -24.94 1.39
CA LEU A 669 -25.51 -23.75 0.85
C LEU A 669 -24.76 -24.06 -0.42
N LYS A 670 -24.16 -25.25 -0.50
CA LYS A 670 -23.51 -25.62 -1.74
C LYS A 670 -24.51 -25.71 -2.88
N LYS A 671 -25.71 -26.22 -2.58
CA LYS A 671 -26.73 -26.31 -3.62
C LYS A 671 -27.24 -24.93 -3.99
N LEU A 672 -27.54 -24.12 -2.97
CA LEU A 672 -28.11 -22.80 -3.20
C LEU A 672 -27.16 -21.95 -4.00
N ALA A 673 -25.87 -22.08 -3.73
CA ALA A 673 -24.89 -21.21 -4.35
C ALA A 673 -24.84 -21.43 -5.85
N GLU A 674 -24.67 -22.68 -6.26
CA GLU A 674 -24.65 -22.97 -7.68
C GLU A 674 -26.07 -22.81 -8.22
N ASN A 675 -26.36 -21.64 -8.73
CA ASN A 675 -27.69 -21.31 -9.21
C ASN A 675 -27.61 -20.15 -10.20
N PRO A 676 -27.37 -20.42 -11.49
CA PRO A 676 -27.22 -19.31 -12.44
C PRO A 676 -28.49 -18.51 -12.71
N LYS A 677 -29.61 -18.85 -12.07
CA LYS A 677 -30.80 -18.03 -12.22
C LYS A 677 -30.56 -16.61 -11.74
N TYR A 678 -29.84 -16.45 -10.62
CA TYR A 678 -29.50 -15.13 -10.09
C TYR A 678 -28.06 -15.21 -9.61
N GLU A 679 -27.12 -14.98 -10.55
CA GLU A 679 -25.70 -15.00 -10.21
C GLU A 679 -25.24 -13.65 -9.67
N ASN A 680 -25.38 -12.59 -10.47
CA ASN A 680 -24.91 -11.26 -10.13
C ASN A 680 -24.99 -10.38 -11.38
N GLU A 681 -25.19 -9.09 -11.14
CA GLU A 681 -25.38 -8.13 -12.21
C GLU A 681 -24.04 -7.61 -12.72
N LYS A 682 -23.24 -7.04 -11.81
CA LYS A 682 -22.03 -6.35 -12.21
C LYS A 682 -21.11 -7.26 -12.98
N LEU A 683 -21.10 -8.54 -12.64
CA LEU A 683 -20.30 -9.49 -13.39
C LEU A 683 -20.79 -9.56 -14.82
N ILE A 684 -22.11 -9.58 -14.99
CA ILE A 684 -22.65 -9.64 -16.34
C ILE A 684 -22.36 -8.35 -17.07
N LYS A 685 -22.44 -7.23 -16.35
CA LYS A 685 -22.23 -5.95 -16.98
C LYS A 685 -20.82 -5.87 -17.52
N LEU A 686 -19.85 -6.29 -16.73
CA LEU A 686 -18.50 -6.29 -17.24
C LEU A 686 -18.30 -7.36 -18.29
N ARG A 687 -19.11 -8.43 -18.25
CA ARG A 687 -19.08 -9.38 -19.35
C ARG A 687 -19.34 -8.66 -20.67
N ASN A 688 -20.42 -7.90 -20.69
CA ASN A 688 -20.78 -7.17 -21.90
C ASN A 688 -19.70 -6.18 -22.28
N THR A 689 -19.24 -5.43 -21.28
CA THR A 689 -18.22 -4.41 -21.51
C THR A 689 -17.01 -5.02 -22.15
N ILE A 690 -16.54 -6.12 -21.58
CA ILE A 690 -15.28 -6.69 -21.96
C ILE A 690 -15.38 -7.31 -23.33
N LEU A 691 -16.47 -8.04 -23.56
CA LEU A 691 -16.65 -8.72 -24.82
C LEU A 691 -16.75 -7.72 -25.95
N GLU A 692 -17.36 -6.57 -25.69
CA GLU A 692 -17.44 -5.52 -26.69
C GLU A 692 -16.06 -5.18 -27.21
N GLN A 693 -15.14 -4.90 -26.30
CA GLN A 693 -13.81 -4.51 -26.71
C GLN A 693 -13.11 -5.65 -27.42
N PHE A 694 -13.04 -6.80 -26.77
CA PHE A 694 -12.21 -7.85 -27.37
C PHE A 694 -12.79 -8.38 -28.66
N THR A 695 -14.05 -8.09 -28.95
CA THR A 695 -14.56 -8.32 -30.30
C THR A 695 -14.17 -7.18 -31.22
N ARG A 696 -14.07 -5.96 -30.69
CA ARG A 696 -13.78 -4.83 -31.55
C ARG A 696 -12.33 -4.83 -32.01
N SER A 697 -11.39 -5.10 -31.10
CA SER A 697 -10.01 -4.73 -31.34
C SER A 697 -9.20 -5.84 -31.99
N GLU A 698 -9.48 -7.11 -31.69
CA GLU A 698 -8.93 -8.19 -32.49
C GLU A 698 -7.41 -8.30 -32.50
N GLU A 699 -6.83 -8.77 -31.39
CA GLU A 699 -5.44 -9.16 -31.19
C GLU A 699 -4.52 -7.99 -30.84
N SER A 700 -4.99 -6.74 -30.90
CA SER A 700 -4.29 -5.63 -30.26
C SER A 700 -4.93 -5.29 -28.92
N SER A 701 -5.44 -6.30 -28.23
CA SER A 701 -6.42 -6.10 -27.17
C SER A 701 -5.74 -6.27 -25.81
N ARG A 702 -5.19 -5.18 -25.31
CA ARG A 702 -4.70 -5.14 -23.95
C ARG A 702 -5.80 -4.68 -23.01
N GLY A 703 -5.77 -5.20 -21.79
CA GLY A 703 -6.86 -4.99 -20.86
C GLY A 703 -6.35 -4.80 -19.45
N ILE A 704 -7.13 -4.09 -18.64
CA ILE A 704 -6.83 -3.90 -17.23
C ILE A 704 -8.12 -3.85 -16.47
N ILE A 705 -8.06 -4.35 -15.26
CA ILE A 705 -9.16 -4.30 -14.31
C ILE A 705 -8.61 -3.77 -13.01
N PHE A 706 -9.45 -3.06 -12.29
CA PHE A 706 -9.12 -2.65 -10.94
C PHE A 706 -10.24 -3.03 -10.00
N THR A 707 -9.84 -3.46 -8.82
CA THR A 707 -10.75 -3.81 -7.76
C THR A 707 -10.12 -3.40 -6.46
N LYS A 708 -10.77 -3.76 -5.36
CA LYS A 708 -10.35 -3.35 -4.04
C LYS A 708 -9.44 -4.36 -3.37
N THR A 709 -9.88 -5.60 -3.30
CA THR A 709 -9.23 -6.59 -2.48
C THR A 709 -8.41 -7.54 -3.34
N ARG A 710 -7.67 -8.40 -2.65
CA ARG A 710 -6.86 -9.38 -3.34
C ARG A 710 -7.70 -10.58 -3.74
N GLN A 711 -8.48 -11.09 -2.79
CA GLN A 711 -9.29 -12.29 -3.01
C GLN A 711 -10.16 -12.12 -4.23
N SER A 712 -10.68 -10.92 -4.41
CA SER A 712 -11.46 -10.61 -5.58
C SER A 712 -10.69 -10.88 -6.85
N THR A 713 -9.41 -10.55 -6.84
CA THR A 713 -8.62 -10.71 -8.04
C THR A 713 -8.46 -12.17 -8.37
N TYR A 714 -8.18 -12.98 -7.35
CA TYR A 714 -8.06 -14.41 -7.56
C TYR A 714 -9.35 -14.96 -8.12
N ALA A 715 -10.48 -14.51 -7.58
CA ALA A 715 -11.76 -15.03 -8.01
C ALA A 715 -12.02 -14.69 -9.45
N LEU A 716 -11.75 -13.46 -9.83
CA LEU A 716 -12.04 -13.03 -11.19
C LEU A 716 -11.14 -13.72 -12.18
N SER A 717 -9.87 -13.85 -11.83
CA SER A 717 -8.94 -14.54 -12.71
C SER A 717 -9.37 -15.97 -12.90
N GLN A 718 -9.78 -16.62 -11.80
CA GLN A 718 -10.28 -17.98 -11.85
C GLN A 718 -11.45 -18.09 -12.82
N TRP A 719 -12.45 -17.23 -12.63
CA TRP A 719 -13.66 -17.25 -13.44
C TRP A 719 -13.35 -17.09 -14.91
N ILE A 720 -12.56 -16.08 -15.24
CA ILE A 720 -12.23 -15.83 -16.63
C ILE A 720 -11.48 -17.01 -17.20
N MET A 721 -10.72 -17.70 -16.35
CA MET A 721 -10.14 -18.97 -16.77
C MET A 721 -11.23 -20.00 -17.01
N GLU A 722 -12.30 -19.98 -16.22
CA GLU A 722 -13.31 -21.02 -16.26
C GLU A 722 -14.25 -20.81 -17.44
N ASN A 723 -14.91 -19.66 -17.49
CA ASN A 723 -15.91 -19.44 -18.51
C ASN A 723 -15.29 -19.48 -19.89
N ALA A 724 -15.98 -20.16 -20.80
CA ALA A 724 -15.39 -20.46 -22.09
C ALA A 724 -15.31 -19.23 -22.98
N LYS A 725 -16.29 -18.34 -22.86
CA LYS A 725 -16.41 -17.25 -23.82
C LYS A 725 -15.18 -16.37 -23.80
N PHE A 726 -14.65 -16.10 -22.61
CA PHE A 726 -13.50 -15.25 -22.52
C PHE A 726 -12.29 -15.87 -23.18
N ALA A 727 -12.05 -17.15 -22.91
CA ALA A 727 -10.99 -17.87 -23.61
C ALA A 727 -11.24 -17.90 -25.11
N GLU A 728 -12.50 -17.87 -25.53
CA GLU A 728 -12.82 -17.95 -26.95
C GLU A 728 -12.29 -16.76 -27.71
N VAL A 729 -12.39 -15.58 -27.11
CA VAL A 729 -12.07 -14.35 -27.82
C VAL A 729 -10.58 -14.06 -27.67
N GLY A 730 -9.86 -15.00 -27.06
CA GLY A 730 -8.46 -14.80 -26.76
C GLY A 730 -8.21 -13.94 -25.54
N VAL A 731 -9.08 -14.02 -24.54
CA VAL A 731 -8.97 -13.17 -23.36
C VAL A 731 -8.04 -13.89 -22.39
N LYS A 732 -6.74 -13.73 -22.60
CA LYS A 732 -5.75 -14.31 -21.72
C LYS A 732 -5.52 -13.36 -20.56
N ALA A 733 -5.66 -13.86 -19.35
CA ALA A 733 -5.70 -13.03 -18.16
C ALA A 733 -4.75 -13.56 -17.10
N HIS A 734 -4.33 -12.63 -16.24
CA HIS A 734 -3.56 -12.96 -15.04
C HIS A 734 -3.88 -11.92 -13.97
N HIS A 735 -3.72 -12.32 -12.72
CA HIS A 735 -3.99 -11.46 -11.59
C HIS A 735 -2.73 -10.69 -11.19
N LEU A 736 -2.88 -9.81 -10.20
CA LEU A 736 -1.76 -9.03 -9.71
C LEU A 736 -2.12 -8.32 -8.41
N ILE A 737 -1.27 -8.44 -7.40
CA ILE A 737 -1.46 -7.79 -6.11
C ILE A 737 -0.08 -7.39 -5.57
N GLY A 738 -0.09 -6.80 -4.37
CA GLY A 738 1.11 -6.24 -3.79
C GLY A 738 1.77 -7.16 -2.78
N ALA A 739 3.02 -6.84 -2.46
CA ALA A 739 3.89 -7.74 -1.73
C ALA A 739 3.81 -7.59 -0.23
N GLY A 740 2.89 -6.76 0.28
CA GLY A 740 2.83 -6.56 1.71
C GLY A 740 2.46 -7.84 2.43
N HIS A 741 3.16 -8.09 3.54
CA HIS A 741 2.97 -9.31 4.32
C HIS A 741 2.00 -8.96 5.43
N SER A 742 0.72 -9.03 5.09
CA SER A 742 -0.34 -8.79 6.05
C SER A 742 -1.65 -9.23 5.41
N SER A 743 -2.73 -9.05 6.15
CA SER A 743 -4.07 -9.04 5.60
C SER A 743 -4.55 -10.40 5.14
N GLU A 744 -4.12 -11.47 5.80
CA GLU A 744 -4.76 -12.77 5.67
C GLU A 744 -4.73 -13.28 4.22
N VAL A 745 -3.71 -12.89 3.47
CA VAL A 745 -3.50 -13.40 2.12
C VAL A 745 -2.01 -13.65 1.94
N LYS A 746 -1.70 -14.64 1.12
CA LYS A 746 -0.33 -14.89 0.71
C LYS A 746 0.03 -13.86 -0.36
N PRO A 747 0.81 -12.83 -0.06
CA PRO A 747 1.11 -11.85 -1.09
C PRO A 747 1.96 -12.42 -2.20
N MET A 748 2.24 -11.59 -3.18
CA MET A 748 3.11 -11.94 -4.29
C MET A 748 4.54 -11.47 -4.00
N THR A 749 5.41 -11.77 -4.94
CA THR A 749 6.80 -11.39 -4.90
C THR A 749 7.12 -10.51 -6.09
N GLN A 750 8.07 -9.61 -5.87
CA GLN A 750 8.47 -8.65 -6.89
C GLN A 750 8.84 -9.33 -8.18
N THR A 751 9.46 -10.50 -8.09
CA THR A 751 9.83 -11.23 -9.29
C THR A 751 8.60 -11.58 -10.08
N GLU A 752 7.59 -12.11 -9.41
CA GLU A 752 6.34 -12.43 -10.09
C GLU A 752 5.78 -11.21 -10.76
N GLN A 753 5.83 -10.07 -10.07
CA GLN A 753 5.31 -8.85 -10.62
C GLN A 753 6.00 -8.52 -11.93
N LYS A 754 7.33 -8.39 -11.87
CA LYS A 754 8.11 -8.02 -13.05
C LYS A 754 7.86 -8.97 -14.20
N GLU A 755 7.76 -10.25 -13.87
CA GLU A 755 7.55 -11.23 -14.92
C GLU A 755 6.21 -11.00 -15.58
N VAL A 756 5.17 -10.74 -14.79
CA VAL A 756 3.85 -10.49 -15.35
C VAL A 756 3.90 -9.27 -16.25
N ILE A 757 4.66 -8.27 -15.83
CA ILE A 757 4.78 -7.07 -16.65
C ILE A 757 5.37 -7.43 -17.99
N SER A 758 6.42 -8.21 -17.97
CA SER A 758 7.07 -8.56 -19.21
C SER A 758 6.20 -9.46 -20.05
N LYS A 759 5.32 -10.24 -19.43
CA LYS A 759 4.41 -11.06 -20.19
C LYS A 759 3.36 -10.21 -20.87
N PHE A 760 2.89 -9.20 -20.16
CA PHE A 760 1.91 -8.29 -20.70
C PHE A 760 2.50 -7.54 -21.89
N ARG A 761 3.70 -7.00 -21.71
CA ARG A 761 4.37 -6.33 -22.81
C ARG A 761 4.61 -7.31 -23.93
N THR A 762 4.91 -8.55 -23.57
CA THR A 762 5.06 -9.61 -24.55
C THR A 762 3.73 -9.89 -25.22
N GLY A 763 2.66 -9.84 -24.44
CA GLY A 763 1.35 -10.19 -24.93
C GLY A 763 0.88 -11.56 -24.52
N GLU A 764 1.57 -12.22 -23.59
CA GLU A 764 1.09 -13.52 -23.15
C GLU A 764 -0.26 -13.38 -22.46
N ILE A 765 -0.40 -12.38 -21.61
CA ILE A 765 -1.64 -12.09 -20.90
C ILE A 765 -2.23 -10.84 -21.51
N ASN A 766 -3.50 -10.94 -21.93
CA ASN A 766 -4.12 -9.81 -22.60
C ASN A 766 -4.63 -8.80 -21.59
N LEU A 767 -5.11 -9.27 -20.45
CA LEU A 767 -5.70 -8.38 -19.46
C LEU A 767 -5.23 -8.73 -18.06
N LEU A 768 -5.13 -7.71 -17.23
CA LEU A 768 -4.65 -7.84 -15.87
C LEU A 768 -5.73 -7.45 -14.89
N ILE A 769 -5.81 -8.24 -13.82
CA ILE A 769 -6.63 -7.94 -12.66
C ILE A 769 -5.72 -7.42 -11.56
N ALA A 770 -6.02 -6.25 -11.02
CA ALA A 770 -5.10 -5.55 -10.13
C ALA A 770 -5.83 -4.85 -9.00
N THR A 771 -5.11 -4.71 -7.89
CA THR A 771 -5.45 -3.79 -6.83
C THR A 771 -4.83 -2.44 -7.19
N THR A 772 -4.72 -1.54 -6.21
CA THR A 772 -4.17 -0.21 -6.43
C THR A 772 -2.70 -0.22 -6.80
N VAL A 773 -2.11 -1.41 -6.85
CA VAL A 773 -0.72 -1.55 -7.26
C VAL A 773 -0.49 -0.93 -8.62
N ALA A 774 -1.47 -0.97 -9.51
CA ALA A 774 -1.16 -0.54 -10.87
C ALA A 774 -1.27 0.97 -11.03
N GLU A 775 -2.19 1.63 -10.33
CA GLU A 775 -2.35 3.09 -10.48
C GLU A 775 -1.27 3.86 -9.74
N GLU A 776 -0.02 3.59 -10.06
CA GLU A 776 1.28 4.25 -10.08
C GLU A 776 2.36 3.31 -10.56
N GLY A 777 3.59 3.78 -10.47
CA GLY A 777 4.94 3.28 -10.49
C GLY A 777 5.22 2.53 -11.75
N LEU A 778 5.22 1.21 -11.58
CA LEU A 778 5.64 0.26 -12.61
C LEU A 778 5.03 0.61 -13.96
N ASP A 779 5.78 0.29 -15.02
CA ASP A 779 5.49 0.79 -16.35
C ASP A 779 4.78 -0.29 -17.16
N ILE A 780 3.48 -0.24 -17.13
CA ILE A 780 2.67 -1.12 -17.95
C ILE A 780 2.59 -0.55 -19.35
N LYS A 781 2.47 -1.45 -20.32
CA LYS A 781 2.22 -1.05 -21.69
C LYS A 781 0.90 -0.30 -21.78
N GLU A 782 0.78 0.54 -22.81
CA GLU A 782 -0.43 1.31 -23.00
C GLU A 782 -1.59 0.37 -23.28
N CYS A 783 -2.80 0.85 -23.02
CA CYS A 783 -3.97 -0.01 -22.94
C CYS A 783 -5.17 0.59 -23.65
N ASN A 784 -6.27 -0.14 -23.58
CA ASN A 784 -7.54 0.22 -24.21
C ASN A 784 -8.71 0.29 -23.24
N ILE A 785 -8.90 -0.73 -22.42
CA ILE A 785 -10.16 -0.98 -21.73
C ILE A 785 -9.96 -1.00 -20.23
N VAL A 786 -9.19 -0.05 -19.73
CA VAL A 786 -9.17 0.15 -18.29
C VAL A 786 -10.59 0.31 -17.78
N ILE A 787 -10.90 -0.39 -16.69
CA ILE A 787 -12.21 -0.27 -16.05
C ILE A 787 -12.00 -0.11 -14.56
N ARG A 788 -13.09 -0.12 -13.80
CA ARG A 788 -13.02 0.12 -12.37
C ARG A 788 -14.21 -0.56 -11.73
N TYR A 789 -13.93 -1.55 -10.89
CA TYR A 789 -14.95 -2.44 -10.36
C TYR A 789 -14.94 -2.33 -8.85
N GLY A 790 -15.69 -1.36 -8.34
CA GLY A 790 -15.86 -1.22 -6.92
C GLY A 790 -14.73 -0.53 -6.21
N LEU A 791 -14.14 0.49 -6.82
CA LEU A 791 -13.05 1.21 -6.18
C LEU A 791 -13.04 2.66 -6.63
N VAL A 792 -13.10 3.58 -5.67
CA VAL A 792 -12.87 4.98 -5.93
C VAL A 792 -12.08 5.53 -4.74
N THR A 793 -10.78 5.68 -4.92
CA THR A 793 -9.95 6.16 -3.82
C THR A 793 -9.93 7.67 -3.78
N ASN A 794 -9.35 8.28 -4.82
CA ASN A 794 -9.20 9.73 -4.84
C ASN A 794 -8.90 10.17 -6.27
N GLU A 795 -8.71 11.46 -6.43
CA GLU A 795 -8.50 12.03 -7.76
C GLU A 795 -7.21 11.54 -8.37
N ILE A 796 -6.23 11.23 -7.54
CA ILE A 796 -4.92 10.91 -8.10
C ILE A 796 -4.99 9.57 -8.80
N ALA A 797 -5.53 8.56 -8.12
CA ALA A 797 -5.68 7.27 -8.77
C ALA A 797 -6.57 7.40 -10.00
N MET A 798 -7.56 8.28 -9.90
CA MET A 798 -8.46 8.50 -11.02
C MET A 798 -7.69 8.96 -12.24
N VAL A 799 -6.86 9.99 -12.08
CA VAL A 799 -6.16 10.51 -13.23
C VAL A 799 -5.10 9.54 -13.70
N GLN A 800 -4.45 8.85 -12.78
CA GLN A 800 -3.34 8.00 -13.19
C GLN A 800 -3.86 6.81 -13.96
N ALA A 801 -5.02 6.30 -13.58
CA ALA A 801 -5.65 5.30 -14.41
C ALA A 801 -6.11 5.90 -15.72
N ARG A 802 -6.63 7.12 -15.66
CA ARG A 802 -7.09 7.80 -16.85
C ARG A 802 -5.97 8.01 -17.85
N GLY A 803 -4.72 8.03 -17.40
CA GLY A 803 -3.57 8.25 -18.25
C GLY A 803 -2.97 7.01 -18.84
N ARG A 804 -3.56 5.84 -18.59
CA ARG A 804 -3.04 4.61 -19.16
C ARG A 804 -3.48 4.41 -20.60
N ALA A 805 -4.74 4.74 -20.89
CA ALA A 805 -5.43 4.23 -22.08
C ALA A 805 -5.12 5.10 -23.28
N ARG A 806 -4.08 4.72 -23.99
CA ARG A 806 -3.72 5.23 -25.29
C ARG A 806 -4.37 4.30 -26.30
N ALA A 807 -3.88 4.29 -27.53
CA ALA A 807 -4.31 3.26 -28.47
C ALA A 807 -5.78 3.41 -28.79
N ASP A 808 -6.09 4.39 -29.64
CA ASP A 808 -7.39 5.00 -29.85
C ASP A 808 -8.55 4.01 -29.85
N GLU A 809 -9.72 4.51 -29.45
CA GLU A 809 -10.83 3.70 -28.99
C GLU A 809 -10.54 3.14 -27.61
N SER A 810 -9.94 3.96 -26.77
CA SER A 810 -9.76 3.70 -25.36
C SER A 810 -10.92 4.25 -24.56
N THR A 811 -11.06 3.77 -23.33
CA THR A 811 -12.16 4.17 -22.46
C THR A 811 -11.66 4.31 -21.03
N TYR A 812 -12.59 4.66 -20.15
CA TYR A 812 -12.37 4.57 -18.70
C TYR A 812 -13.73 4.34 -18.07
N VAL A 813 -13.95 3.11 -17.64
CA VAL A 813 -15.24 2.67 -17.19
C VAL A 813 -15.28 2.72 -15.68
N LEU A 814 -16.49 2.76 -15.15
CA LEU A 814 -16.73 2.50 -13.75
C LEU A 814 -17.96 1.62 -13.65
N VAL A 815 -17.84 0.58 -12.84
CA VAL A 815 -18.90 -0.39 -12.61
C VAL A 815 -19.19 -0.41 -11.13
N THR A 816 -20.44 -0.19 -10.78
CA THR A 816 -20.85 -0.08 -9.39
C THR A 816 -22.24 -0.66 -9.23
N SER A 817 -22.68 -0.72 -8.00
CA SER A 817 -24.06 -1.03 -7.67
C SER A 817 -24.84 0.26 -7.52
N SER A 818 -26.14 0.11 -7.30
CA SER A 818 -27.01 1.26 -7.21
C SER A 818 -26.97 1.88 -5.82
N GLY A 819 -27.18 1.07 -4.79
CA GLY A 819 -27.40 1.58 -3.46
C GLY A 819 -26.15 1.70 -2.62
N SER A 820 -25.04 2.01 -3.27
CA SER A 820 -23.77 2.25 -2.59
C SER A 820 -23.13 3.44 -3.25
N GLY A 821 -23.02 4.54 -2.50
CA GLY A 821 -22.53 5.76 -3.08
C GLY A 821 -21.12 5.61 -3.55
N VAL A 822 -20.99 5.51 -4.87
CA VAL A 822 -19.71 5.45 -5.55
C VAL A 822 -19.64 6.47 -6.67
N THR A 823 -20.66 6.48 -7.52
CA THR A 823 -20.77 7.49 -8.58
C THR A 823 -20.69 8.87 -7.98
N GLU A 824 -21.28 9.03 -6.79
CA GLU A 824 -21.03 10.17 -5.94
C GLU A 824 -19.55 10.48 -5.88
N ARG A 825 -18.78 9.52 -5.38
CA ARG A 825 -17.37 9.75 -5.14
C ARG A 825 -16.63 9.99 -6.44
N GLU A 826 -17.04 9.27 -7.49
CA GLU A 826 -16.45 9.48 -8.80
C GLU A 826 -16.61 10.92 -9.23
N ILE A 827 -17.80 11.46 -9.06
CA ILE A 827 -18.06 12.82 -9.47
C ILE A 827 -17.27 13.79 -8.61
N VAL A 828 -17.18 13.50 -7.31
CA VAL A 828 -16.45 14.38 -6.42
C VAL A 828 -15.03 14.51 -6.90
N ASN A 829 -14.43 13.37 -7.24
CA ASN A 829 -13.06 13.41 -7.71
C ASN A 829 -12.95 14.13 -9.04
N ASP A 830 -13.97 13.99 -9.90
CA ASP A 830 -13.96 14.73 -11.14
C ASP A 830 -13.92 16.23 -10.87
N PHE A 831 -14.73 16.66 -9.92
CA PHE A 831 -14.77 18.08 -9.60
C PHE A 831 -13.46 18.52 -8.99
N ARG A 832 -12.86 17.65 -8.20
CA ARG A 832 -11.57 17.96 -7.62
C ARG A 832 -10.53 18.16 -8.70
N GLU A 833 -10.60 17.31 -9.72
CA GLU A 833 -9.69 17.42 -10.84
C GLU A 833 -9.88 18.75 -11.53
N LYS A 834 -11.13 19.12 -11.74
CA LYS A 834 -11.39 20.38 -12.38
C LYS A 834 -11.03 21.55 -11.48
N MET A 835 -10.94 21.31 -10.19
CA MET A 835 -10.70 22.38 -9.24
C MET A 835 -9.24 22.72 -9.17
N MET A 836 -8.42 21.69 -9.15
CA MET A 836 -7.01 21.92 -8.90
C MET A 836 -6.39 22.74 -10.00
N TYR A 837 -6.86 22.56 -11.22
CA TYR A 837 -6.32 23.34 -12.32
C TYR A 837 -6.64 24.81 -12.15
N LYS A 838 -7.84 25.10 -11.69
CA LYS A 838 -8.18 26.48 -11.38
C LYS A 838 -7.23 27.03 -10.35
N ALA A 839 -6.93 26.22 -9.35
CA ALA A 839 -6.04 26.71 -8.30
C ALA A 839 -4.65 26.95 -8.84
N ILE A 840 -4.21 26.08 -9.74
CA ILE A 840 -2.90 26.25 -10.34
C ILE A 840 -2.86 27.57 -11.06
N ASN A 841 -3.91 27.86 -11.81
CA ASN A 841 -3.92 29.12 -12.53
C ASN A 841 -3.92 30.28 -11.56
N ARG A 842 -4.59 30.10 -10.42
CA ARG A 842 -4.60 31.17 -9.44
C ARG A 842 -3.20 31.46 -8.95
N VAL A 843 -2.39 30.43 -8.84
CA VAL A 843 -1.11 30.59 -8.15
C VAL A 843 0.00 30.94 -9.11
N GLN A 844 -0.06 30.39 -10.32
CA GLN A 844 0.92 30.75 -11.32
C GLN A 844 0.88 32.23 -11.56
N ASN A 845 -0.31 32.79 -11.58
CA ASN A 845 -0.49 34.21 -11.80
C ASN A 845 -0.34 35.02 -10.52
N MET A 846 -0.13 34.35 -9.39
CA MET A 846 0.15 35.07 -8.18
C MET A 846 1.37 35.95 -8.33
N LYS A 847 1.37 37.04 -7.60
CA LYS A 847 2.46 37.97 -7.63
C LYS A 847 3.68 37.33 -6.97
N PRO A 848 4.88 37.58 -7.47
CA PRO A 848 6.05 36.94 -6.86
C PRO A 848 6.30 37.35 -5.42
N GLU A 849 6.11 38.62 -5.06
CA GLU A 849 6.39 39.01 -3.69
C GLU A 849 5.41 38.36 -2.74
N GLU A 850 4.15 38.30 -3.14
CA GLU A 850 3.14 37.69 -2.32
C GLU A 850 3.35 36.20 -2.22
N TYR A 851 3.66 35.59 -3.35
CA TYR A 851 4.01 34.18 -3.39
C TYR A 851 5.15 33.88 -2.43
N ALA A 852 6.19 34.71 -2.49
CA ALA A 852 7.34 34.53 -1.62
C ALA A 852 6.92 34.62 -0.17
N HIS A 853 6.20 35.69 0.16
CA HIS A 853 5.72 35.90 1.51
C HIS A 853 4.99 34.67 2.03
N LYS A 854 4.11 34.14 1.21
CA LYS A 854 3.28 33.04 1.65
C LYS A 854 4.09 31.78 1.82
N ILE A 855 4.99 31.50 0.89
CA ILE A 855 5.75 30.27 1.01
C ILE A 855 6.67 30.34 2.21
N LEU A 856 7.18 31.54 2.51
CA LEU A 856 8.02 31.66 3.68
C LEU A 856 7.22 31.35 4.92
N GLU A 857 6.02 31.93 4.99
CA GLU A 857 5.14 31.64 6.10
C GLU A 857 4.93 30.14 6.24
N LEU A 858 4.68 29.48 5.13
CA LEU A 858 4.34 28.07 5.21
C LEU A 858 5.54 27.24 5.59
N GLN A 859 6.71 27.61 5.10
CA GLN A 859 7.90 26.87 5.47
C GLN A 859 8.14 26.98 6.96
N VAL A 860 7.93 28.17 7.49
CA VAL A 860 8.10 28.37 8.92
C VAL A 860 7.12 27.51 9.68
N GLN A 861 5.88 27.51 9.24
CA GLN A 861 4.84 26.76 9.91
C GLN A 861 5.16 25.28 9.88
N SER A 862 5.65 24.80 8.74
CA SER A 862 5.96 23.39 8.62
C SER A 862 7.07 23.02 9.56
N ILE A 863 8.11 23.85 9.62
CA ILE A 863 9.23 23.51 10.48
C ILE A 863 8.81 23.56 11.92
N LEU A 864 7.99 24.54 12.28
CA LEU A 864 7.49 24.59 13.65
C LEU A 864 6.54 23.45 13.91
N GLU A 865 5.83 23.00 12.88
CA GLU A 865 5.00 21.84 13.06
C GLU A 865 5.83 20.59 13.24
N LYS A 866 7.13 20.65 12.97
CA LYS A 866 7.97 19.49 13.20
C LYS A 866 8.35 19.38 14.66
N LYS A 867 8.99 20.44 15.18
CA LYS A 867 9.54 20.65 16.52
C LYS A 867 8.55 20.23 17.58
N MET A 868 7.29 20.62 17.41
CA MET A 868 6.28 20.32 18.41
C MET A 868 6.08 18.82 18.54
N LYS A 869 5.87 18.15 17.41
CA LYS A 869 5.67 16.73 17.14
C LYS A 869 6.80 15.89 17.73
N VAL A 870 8.01 16.43 17.75
CA VAL A 870 9.31 16.11 18.33
C VAL A 870 9.27 16.24 19.83
N LYS A 871 8.57 17.26 20.34
CA LYS A 871 8.54 17.51 21.76
C LYS A 871 7.53 16.65 22.48
N ARG A 872 6.56 16.09 21.77
CA ARG A 872 5.54 15.27 22.39
C ARG A 872 5.71 13.80 22.06
N SER A 873 6.67 13.45 21.22
CA SER A 873 6.84 12.09 20.77
C SER A 873 8.29 11.66 20.89
N ILE A 874 8.92 11.98 22.02
CA ILE A 874 10.29 11.52 22.25
C ILE A 874 10.31 10.02 22.46
N ALA A 875 9.70 9.56 23.54
CA ALA A 875 9.46 8.14 23.74
C ALA A 875 7.97 7.83 23.78
N LYS A 876 7.23 8.45 24.70
CA LYS A 876 5.80 8.27 24.88
C LYS A 876 5.44 6.89 25.43
N GLN A 877 6.44 6.01 25.51
CA GLN A 877 6.28 4.72 26.19
C GLN A 877 7.71 4.27 26.51
N TYR A 878 8.15 4.50 27.74
CA TYR A 878 9.53 4.25 28.11
C TYR A 878 9.67 3.42 29.37
N ASN A 879 8.61 3.24 30.15
CA ASN A 879 8.71 2.50 31.40
C ASN A 879 9.05 1.05 31.11
N ASP A 880 10.29 0.69 31.40
CA ASP A 880 10.79 -0.64 31.10
C ASP A 880 10.57 -1.51 32.32
N ASN A 881 9.65 -2.47 32.21
CA ASN A 881 9.24 -3.31 33.33
C ASN A 881 9.38 -4.76 32.93
N PRO A 882 10.40 -5.45 33.40
CA PRO A 882 10.82 -6.71 32.78
C PRO A 882 9.81 -7.84 32.81
N SER A 883 9.38 -8.22 34.00
CA SER A 883 8.38 -9.28 34.15
C SER A 883 7.41 -8.78 35.21
N LEU A 884 6.45 -7.97 34.76
CA LEU A 884 5.38 -7.45 35.59
C LEU A 884 4.03 -7.85 35.01
N ILE A 885 4.02 -8.89 34.18
CA ILE A 885 2.91 -9.23 33.32
C ILE A 885 2.73 -10.74 33.37
N THR A 886 1.67 -11.20 32.69
CA THR A 886 1.55 -12.59 32.30
C THR A 886 0.80 -12.63 30.99
N LEU A 887 1.31 -13.43 30.06
CA LEU A 887 0.68 -13.60 28.77
C LEU A 887 -0.20 -14.84 28.80
N LEU A 888 -1.48 -14.63 28.51
CA LEU A 888 -2.45 -15.71 28.42
C LEU A 888 -2.88 -15.92 26.99
N CYS A 889 -3.42 -17.10 26.72
CA CYS A 889 -4.05 -17.30 25.44
C CYS A 889 -5.35 -16.53 25.38
N LYS A 890 -5.68 -16.08 24.18
CA LYS A 890 -6.79 -15.17 23.99
C LYS A 890 -8.07 -15.93 23.74
N ASN A 891 -7.99 -17.12 23.13
CA ASN A 891 -9.17 -17.95 22.99
C ASN A 891 -9.54 -18.59 24.31
N CYS A 892 -8.66 -19.41 24.85
CA CYS A 892 -8.84 -19.99 26.17
C CYS A 892 -8.12 -19.11 27.17
N SER A 893 -8.82 -18.72 28.23
CA SER A 893 -8.22 -17.87 29.25
C SER A 893 -7.27 -18.76 30.05
N MET A 894 -6.09 -18.94 29.47
CA MET A 894 -5.12 -19.89 29.95
C MET A 894 -3.75 -19.25 29.97
N LEU A 895 -2.95 -19.59 30.98
CA LEU A 895 -1.60 -19.08 31.04
C LEU A 895 -0.76 -19.68 29.92
N VAL A 896 0.19 -18.89 29.44
CA VAL A 896 1.13 -19.34 28.43
C VAL A 896 2.54 -19.02 28.90
N CYS A 897 2.78 -17.77 29.28
CA CYS A 897 4.12 -17.35 29.66
C CYS A 897 4.08 -16.19 30.63
N SER A 898 5.25 -15.90 31.18
CA SER A 898 5.54 -14.67 31.89
C SER A 898 6.59 -13.89 31.11
N GLY A 899 6.83 -12.67 31.56
CA GLY A 899 7.72 -11.78 30.83
C GLY A 899 9.18 -12.13 30.96
N GLU A 900 9.54 -12.87 31.99
CA GLU A 900 10.94 -13.18 32.20
C GLU A 900 11.42 -14.22 31.18
N ASN A 901 10.58 -15.19 30.87
CA ASN A 901 11.00 -16.28 29.99
C ASN A 901 11.34 -15.78 28.60
N ILE A 902 10.79 -14.66 28.20
CA ILE A 902 10.93 -14.19 26.83
C ILE A 902 12.26 -13.48 26.67
N HIS A 903 12.80 -13.57 25.47
CA HIS A 903 14.00 -12.85 25.09
C HIS A 903 13.83 -12.37 23.67
N VAL A 904 14.83 -11.65 23.20
CA VAL A 904 14.84 -11.09 21.86
C VAL A 904 16.14 -11.46 21.18
N ILE A 905 16.05 -11.62 19.88
CA ILE A 905 17.22 -11.80 19.02
C ILE A 905 17.27 -10.62 18.05
N GLU A 906 18.48 -10.17 17.78
CA GLU A 906 18.75 -9.01 16.94
C GLU A 906 17.88 -7.83 17.30
N LYS A 907 17.55 -7.70 18.59
CA LYS A 907 16.72 -6.64 19.15
C LYS A 907 15.41 -6.42 18.38
N MET A 908 14.95 -7.42 17.61
CA MET A 908 13.71 -7.31 16.85
C MET A 908 12.72 -8.39 17.18
N HIS A 909 13.09 -9.65 17.01
CA HIS A 909 12.15 -10.75 17.08
C HIS A 909 12.03 -11.24 18.52
N HIS A 910 10.80 -11.50 18.94
CA HIS A 910 10.54 -12.00 20.28
C HIS A 910 10.37 -13.51 20.24
N VAL A 911 10.83 -14.16 21.31
CA VAL A 911 10.91 -15.62 21.32
C VAL A 911 11.05 -16.09 22.77
N ASN A 912 10.70 -17.35 23.01
CA ASN A 912 10.84 -18.00 24.30
C ASN A 912 11.48 -19.37 24.12
N MET A 913 12.36 -19.74 25.05
CA MET A 913 13.14 -20.97 24.98
C MET A 913 13.15 -21.69 26.32
N THR A 914 11.99 -21.82 26.94
CA THR A 914 11.86 -22.67 28.11
C THR A 914 11.04 -23.92 27.74
N PRO A 915 11.41 -25.12 28.23
CA PRO A 915 10.67 -26.31 27.82
C PRO A 915 9.23 -26.34 28.29
N GLU A 916 8.85 -25.50 29.26
CA GLU A 916 7.46 -25.44 29.63
C GLU A 916 6.61 -24.99 28.46
N PHE A 917 6.93 -23.81 27.92
CA PHE A 917 6.28 -23.32 26.71
C PHE A 917 6.47 -24.27 25.55
N LYS A 918 7.57 -25.03 25.54
CA LYS A 918 7.80 -25.97 24.46
C LYS A 918 6.66 -26.97 24.36
N GLY A 919 6.32 -27.59 25.47
CA GLY A 919 5.39 -28.68 25.44
C GLY A 919 3.96 -28.29 25.24
N LEU A 920 3.63 -27.01 25.35
CA LEU A 920 2.23 -26.63 25.36
C LEU A 920 1.62 -26.67 23.97
N TYR A 921 2.40 -26.45 22.94
CA TYR A 921 1.85 -26.17 21.63
C TYR A 921 2.04 -27.33 20.66
N ILE A 922 1.43 -27.14 19.50
CA ILE A 922 1.47 -28.08 18.39
C ILE A 922 1.80 -27.29 17.15
N VAL A 923 2.43 -27.98 16.22
CA VAL A 923 2.80 -27.42 14.93
C VAL A 923 1.91 -28.03 13.87
N ARG A 924 1.36 -27.18 13.01
CA ARG A 924 0.57 -27.60 11.87
C ARG A 924 1.33 -27.20 10.61
N GLU A 925 1.53 -28.16 9.73
CA GLU A 925 2.37 -27.92 8.58
C GLU A 925 1.75 -26.87 7.66
N ASN A 926 2.62 -26.23 6.89
CA ASN A 926 2.27 -25.01 6.19
C ASN A 926 1.58 -25.30 4.86
N LYS A 927 0.64 -24.42 4.52
CA LYS A 927 0.01 -24.39 3.21
C LYS A 927 0.68 -23.39 2.28
N ALA A 928 1.31 -22.35 2.84
CA ALA A 928 2.05 -21.40 2.03
C ALA A 928 3.24 -22.08 1.36
N LEU A 929 3.86 -23.04 2.04
CA LEU A 929 5.03 -23.71 1.50
C LEU A 929 4.68 -24.80 0.51
N GLN A 930 3.47 -25.36 0.58
CA GLN A 930 3.10 -26.40 -0.39
C GLN A 930 2.77 -25.81 -1.75
N LYS A 931 2.44 -24.52 -1.81
CA LYS A 931 2.16 -23.86 -3.08
C LYS A 931 3.36 -23.88 -4.00
N TYR A 936 8.28 -29.24 1.62
CA TYR A 936 9.11 -29.30 2.82
C TYR A 936 8.92 -28.06 3.67
N GLN A 937 8.18 -28.20 4.76
CA GLN A 937 7.91 -27.06 5.64
C GLN A 937 9.19 -26.60 6.31
N THR A 938 9.33 -25.28 6.41
CA THR A 938 10.48 -24.65 7.07
C THR A 938 10.09 -23.78 8.24
N ASN A 939 9.00 -23.02 8.12
CA ASN A 939 8.52 -22.16 9.20
C ASN A 939 7.15 -22.68 9.60
N GLY A 940 7.14 -23.51 10.63
CA GLY A 940 5.88 -24.06 11.08
C GLY A 940 5.03 -23.00 11.76
N GLU A 941 3.73 -23.19 11.69
CA GLU A 941 2.76 -22.34 12.37
C GLU A 941 2.34 -23.01 13.67
N ILE A 942 2.35 -22.25 14.73
CA ILE A 942 2.04 -22.77 16.05
C ILE A 942 0.55 -22.67 16.31
N ILE A 943 0.03 -23.61 17.12
CA ILE A 943 -1.35 -23.57 17.58
C ILE A 943 -1.40 -23.90 19.06
N CYS A 944 -2.54 -23.60 19.68
CA CYS A 944 -2.75 -23.92 21.07
C CYS A 944 -3.35 -25.32 21.22
N LYS A 945 -3.58 -25.69 22.48
CA LYS A 945 -4.48 -26.80 22.76
C LYS A 945 -5.92 -26.43 22.44
N CYS A 946 -6.26 -25.14 22.51
CA CYS A 946 -7.61 -24.73 22.14
C CYS A 946 -7.77 -24.77 20.64
N GLY A 947 -6.81 -24.21 19.92
CA GLY A 947 -6.87 -24.12 18.48
C GLY A 947 -6.40 -22.78 17.97
N GLN A 948 -6.31 -21.80 18.86
CA GLN A 948 -5.87 -20.48 18.46
C GLN A 948 -4.40 -20.53 18.00
N ALA A 949 -4.16 -20.13 16.76
CA ALA A 949 -2.80 -19.98 16.30
C ALA A 949 -2.12 -18.87 17.08
N TRP A 950 -0.85 -19.07 17.37
CA TRP A 950 -0.07 -18.18 18.19
C TRP A 950 1.08 -17.50 17.46
N GLY A 951 1.86 -18.27 16.70
CA GLY A 951 3.12 -17.78 16.22
C GLY A 951 3.68 -18.53 15.05
N THR A 952 5.00 -18.62 15.03
CA THR A 952 5.70 -19.23 13.91
C THR A 952 7.03 -19.74 14.44
N MET A 953 7.51 -20.81 13.85
CA MET A 953 8.82 -21.32 14.19
C MET A 953 9.90 -20.35 13.71
N MET A 954 11.11 -20.61 14.15
CA MET A 954 12.21 -19.76 13.72
C MET A 954 13.53 -20.52 13.88
N VAL A 955 14.47 -20.16 13.02
CA VAL A 955 15.77 -20.81 12.94
C VAL A 955 16.83 -19.75 13.19
N HIS A 956 17.30 -19.66 14.42
CA HIS A 956 18.38 -18.78 14.79
C HIS A 956 19.54 -19.64 15.28
N LYS A 957 20.65 -19.59 14.56
CA LYS A 957 21.83 -20.39 14.90
C LYS A 957 21.50 -21.87 14.91
N GLY A 958 20.60 -22.28 14.02
CA GLY A 958 20.14 -23.64 13.96
C GLY A 958 19.15 -24.03 15.03
N LEU A 959 19.11 -23.32 16.15
CA LEU A 959 18.08 -23.52 17.14
C LEU A 959 16.72 -23.26 16.51
N ASP A 960 15.82 -24.23 16.58
CA ASP A 960 14.46 -24.06 16.06
C ASP A 960 13.57 -23.39 17.11
N LEU A 961 14.05 -22.26 17.58
CA LEU A 961 13.38 -21.57 18.66
C LEU A 961 12.11 -20.91 18.13
N PRO A 962 10.94 -21.20 18.70
CA PRO A 962 9.68 -20.73 18.10
C PRO A 962 9.36 -19.30 18.45
N CYS A 963 9.23 -18.46 17.44
CA CYS A 963 8.80 -17.10 17.65
C CYS A 963 7.32 -17.07 17.98
N LEU A 964 6.79 -15.87 18.15
CA LEU A 964 5.37 -15.71 18.44
C LEU A 964 4.94 -14.30 18.09
N LYS A 965 3.65 -14.05 18.27
CA LYS A 965 3.02 -12.75 18.08
C LYS A 965 2.50 -12.24 19.41
N ILE A 966 2.02 -11.00 19.38
CA ILE A 966 1.28 -10.43 20.50
C ILE A 966 -0.10 -10.01 20.03
N ARG A 967 -0.51 -10.49 18.86
CA ARG A 967 -1.84 -10.21 18.36
C ARG A 967 -2.83 -11.28 18.77
N ASN A 968 -2.33 -12.49 19.06
CA ASN A 968 -3.15 -13.59 19.48
C ASN A 968 -3.16 -13.81 20.98
N PHE A 969 -2.34 -13.08 21.73
CA PHE A 969 -2.26 -13.23 23.17
C PHE A 969 -2.87 -12.05 23.87
N VAL A 970 -3.14 -12.24 25.16
CA VAL A 970 -3.65 -11.20 26.02
C VAL A 970 -2.71 -11.02 27.20
N VAL A 971 -2.68 -9.81 27.71
CA VAL A 971 -1.84 -9.41 28.82
C VAL A 971 -2.67 -9.35 30.07
N ASN A 972 -2.03 -9.67 31.19
CA ASN A 972 -2.61 -9.46 32.51
C ASN A 972 -1.55 -8.86 33.41
N PHE A 973 -1.73 -7.60 33.75
CA PHE A 973 -0.89 -6.99 34.75
C PHE A 973 -1.19 -7.57 36.11
N LYS A 974 -0.15 -7.66 36.92
CA LYS A 974 -0.25 -8.26 38.23
C LYS A 974 -0.99 -7.40 39.22
N ASN A 975 -1.10 -6.10 38.97
CA ASN A 975 -1.58 -5.20 40.00
C ASN A 975 -3.10 -5.24 40.13
N ASN A 976 -3.79 -4.82 39.07
CA ASN A 976 -5.25 -4.68 39.15
C ASN A 976 -5.94 -5.07 37.84
N SER A 977 -5.28 -5.84 36.97
CA SER A 977 -5.89 -6.48 35.83
C SER A 977 -6.71 -5.58 34.89
N PRO A 978 -6.13 -4.49 34.41
CA PRO A 978 -6.63 -3.93 33.15
C PRO A 978 -6.02 -4.67 31.96
N LYS A 979 -6.65 -5.79 31.61
CA LYS A 979 -6.17 -6.61 30.53
C LYS A 979 -6.35 -5.90 29.20
N LYS A 980 -5.31 -5.91 28.37
CA LYS A 980 -5.26 -5.11 27.16
C LYS A 980 -4.76 -5.93 25.99
N GLN A 981 -5.19 -5.52 24.80
CA GLN A 981 -4.70 -6.04 23.54
C GLN A 981 -3.93 -4.93 22.86
N TYR A 982 -2.90 -5.31 22.12
CA TYR A 982 -1.92 -4.35 21.62
C TYR A 982 -1.66 -4.41 20.13
N LYS A 983 -1.84 -5.58 19.49
CA LYS A 983 -1.71 -5.74 18.05
C LYS A 983 -0.26 -5.67 17.54
N LYS A 984 0.68 -5.24 18.37
CA LYS A 984 2.09 -5.24 18.01
C LYS A 984 2.91 -4.88 19.23
N TRP A 985 4.21 -5.09 19.10
CA TRP A 985 5.07 -5.08 20.27
C TRP A 985 5.53 -3.69 20.65
N VAL A 986 5.65 -2.80 19.68
CA VAL A 986 6.23 -1.52 20.03
C VAL A 986 5.28 -0.71 20.89
N GLU A 987 3.98 -0.97 20.77
CA GLU A 987 3.01 -0.14 21.46
C GLU A 987 3.17 -0.22 22.97
N LEU A 988 3.55 -1.35 23.47
CA LEU A 988 3.61 -1.48 24.90
C LEU A 988 4.87 -0.82 25.46
N PRO A 989 4.84 -0.38 26.71
CA PRO A 989 5.98 0.39 27.25
C PRO A 989 7.18 -0.45 27.64
N ILE A 990 6.94 -1.68 28.08
CA ILE A 990 7.99 -2.40 28.77
C ILE A 990 8.96 -3.03 27.79
N ARG A 991 10.19 -3.19 28.24
CA ARG A 991 11.28 -3.70 27.44
C ARG A 991 11.53 -5.15 27.79
N PHE A 992 12.08 -5.89 26.83
CA PHE A 992 12.50 -7.26 27.03
C PHE A 992 14.00 -7.40 26.84
N PRO A 993 14.63 -8.37 27.48
CA PRO A 993 16.07 -8.53 27.34
C PRO A 993 16.46 -9.22 26.05
N ASP A 994 17.69 -8.93 25.63
CA ASP A 994 18.28 -9.62 24.52
C ASP A 994 18.54 -11.07 24.89
N LEU A 995 18.68 -11.88 23.86
CA LEU A 995 18.93 -13.29 24.07
C LEU A 995 20.41 -13.54 24.31
N ASP A 996 20.69 -14.55 25.14
CA ASP A 996 22.04 -15.01 25.34
C ASP A 996 21.98 -16.47 25.77
N TYR A 997 22.89 -17.28 25.22
CA TYR A 997 22.83 -18.71 25.43
C TYR A 997 23.28 -19.12 26.82
N SER A 998 23.70 -18.18 27.67
CA SER A 998 24.06 -18.52 29.03
C SER A 998 22.95 -19.27 29.74
N GLU A 999 21.70 -18.90 29.48
CA GLU A 999 20.56 -19.66 29.93
C GLU A 999 20.36 -20.86 29.01
N TYR A 1000 19.95 -21.98 29.61
CA TYR A 1000 19.73 -23.26 28.97
C TYR A 1000 21.06 -23.95 28.65
N CYS A 1001 22.20 -23.28 28.82
CA CYS A 1001 23.47 -23.88 28.46
C CYS A 1001 24.49 -23.70 29.57
N LEU A 1002 25.73 -24.08 29.29
CA LEU A 1002 26.81 -23.99 30.27
C LEU A 1002 26.52 -24.89 31.46
#